data_1D30
# 
_entry.id   1D30 
# 
_audit_conform.dict_name       mmcif_pdbx.dic 
_audit_conform.dict_version    5.385 
_audit_conform.dict_location   http://mmcif.pdb.org/dictionaries/ascii/mmcif_pdbx.dic 
# 
loop_
_database_2.database_id 
_database_2.database_code 
_database_2.pdbx_database_accession 
_database_2.pdbx_DOI 
PDB   1D30         pdb_00001d30 10.2210/pdb1d30/pdb 
RCSB  GDL008       ?            ?                   
WWPDB D_1000172635 ?            ?                   
# 
loop_
_pdbx_audit_revision_history.ordinal 
_pdbx_audit_revision_history.data_content_type 
_pdbx_audit_revision_history.major_revision 
_pdbx_audit_revision_history.minor_revision 
_pdbx_audit_revision_history.revision_date 
1 'Structure model' 1 0 1992-04-15 
2 'Structure model' 1 1 2008-05-22 
3 'Structure model' 1 2 2011-07-13 
4 'Structure model' 1 3 2024-02-07 
# 
_pdbx_audit_revision_details.ordinal             1 
_pdbx_audit_revision_details.revision_ordinal    1 
_pdbx_audit_revision_details.data_content_type   'Structure model' 
_pdbx_audit_revision_details.provider            repository 
_pdbx_audit_revision_details.type                'Initial release' 
_pdbx_audit_revision_details.description         ? 
_pdbx_audit_revision_details.details             ? 
# 
loop_
_pdbx_audit_revision_group.ordinal 
_pdbx_audit_revision_group.revision_ordinal 
_pdbx_audit_revision_group.data_content_type 
_pdbx_audit_revision_group.group 
1 2 'Structure model' 'Version format compliance' 
2 3 'Structure model' 'Version format compliance' 
3 4 'Structure model' 'Data collection'           
4 4 'Structure model' 'Database references'       
5 4 'Structure model' 'Derived calculations'      
# 
loop_
_pdbx_audit_revision_category.ordinal 
_pdbx_audit_revision_category.revision_ordinal 
_pdbx_audit_revision_category.data_content_type 
_pdbx_audit_revision_category.category 
1 4 'Structure model' chem_comp_atom 
2 4 'Structure model' chem_comp_bond 
3 4 'Structure model' database_2     
4 4 'Structure model' struct_site    
# 
loop_
_pdbx_audit_revision_item.ordinal 
_pdbx_audit_revision_item.revision_ordinal 
_pdbx_audit_revision_item.data_content_type 
_pdbx_audit_revision_item.item 
1 4 'Structure model' '_database_2.pdbx_DOI'                
2 4 'Structure model' '_database_2.pdbx_database_accession' 
3 4 'Structure model' '_struct_site.pdbx_auth_asym_id'      
4 4 'Structure model' '_struct_site.pdbx_auth_comp_id'      
5 4 'Structure model' '_struct_site.pdbx_auth_seq_id'       
# 
_pdbx_database_status.status_code                     REL 
_pdbx_database_status.entry_id                        1D30 
_pdbx_database_status.recvd_initial_deposition_date   1991-01-04 
_pdbx_database_status.deposit_site                    BNL 
_pdbx_database_status.process_site                    NDB 
_pdbx_database_status.status_code_sf                  REL 
_pdbx_database_status.status_code_mr                  ? 
_pdbx_database_status.SG_entry                        ? 
_pdbx_database_status.pdb_format_compatible           Y 
_pdbx_database_status.status_code_cs                  ? 
_pdbx_database_status.status_code_nmr_data            ? 
_pdbx_database_status.methods_development_category    ? 
# 
loop_
_audit_author.name 
_audit_author.pdbx_ordinal 
'Larsen, T.'      1 
'Goodsell, D.S.'  2 
'Cascio, D.'      3 
'Grzeskowiak, K.' 4 
'Dickerson, R.E.' 5 
# 
_citation.id                        primary 
_citation.title                     'The structure of DAPI bound to DNA.' 
_citation.journal_abbrev            J.Biomol.Struct.Dyn. 
_citation.journal_volume            7 
_citation.page_first                477 
_citation.page_last                 491 
_citation.year                      1989 
_citation.journal_id_ASTM           JBSDD6 
_citation.country                   US 
_citation.journal_id_ISSN           0739-1102 
_citation.journal_id_CSD            0646 
_citation.book_publisher            ? 
_citation.pdbx_database_id_PubMed   2627296 
_citation.pdbx_database_id_DOI      ? 
# 
loop_
_citation_author.citation_id 
_citation_author.name 
_citation_author.ordinal 
_citation_author.identifier_ORCID 
primary 'Larsen, T.A.'    1 ? 
primary 'Goodsell, D.S.'  2 ? 
primary 'Cascio, D.'      3 ? 
primary 'Grzeskowiak, K.' 4 ? 
primary 'Dickerson, R.E.' 5 ? 
# 
loop_
_entity.id 
_entity.type 
_entity.src_method 
_entity.pdbx_description 
_entity.formula_weight 
_entity.pdbx_number_of_molecules 
_entity.pdbx_ec 
_entity.pdbx_mutation 
_entity.pdbx_fragment 
_entity.details 
1 polymer     syn 
;DNA (5'-D(*CP*GP*CP*GP*AP*AP*TP*TP*CP*GP*CP*G)-3')
;
3663.392 2  ? ? ? ? 
2 non-polymer syn '6-AMIDINE-2-(4-AMIDINO-PHENYL)INDOLE'               277.324  1  ? ? ? ? 
3 water       nat water                                                18.015   25 ? ? ? ? 
# 
_entity_poly.entity_id                      1 
_entity_poly.type                           polydeoxyribonucleotide 
_entity_poly.nstd_linkage                   no 
_entity_poly.nstd_monomer                   no 
_entity_poly.pdbx_seq_one_letter_code       '(DC)(DG)(DC)(DG)(DA)(DA)(DT)(DT)(DC)(DG)(DC)(DG)' 
_entity_poly.pdbx_seq_one_letter_code_can   CGCGAATTCGCG 
_entity_poly.pdbx_strand_id                 A,B 
_entity_poly.pdbx_target_identifier         ? 
# 
loop_
_pdbx_entity_nonpoly.entity_id 
_pdbx_entity_nonpoly.name 
_pdbx_entity_nonpoly.comp_id 
2 '6-AMIDINE-2-(4-AMIDINO-PHENYL)INDOLE' DAP 
3 water                                  HOH 
# 
loop_
_entity_poly_seq.entity_id 
_entity_poly_seq.num 
_entity_poly_seq.mon_id 
_entity_poly_seq.hetero 
1 1  DC n 
1 2  DG n 
1 3  DC n 
1 4  DG n 
1 5  DA n 
1 6  DA n 
1 7  DT n 
1 8  DT n 
1 9  DC n 
1 10 DG n 
1 11 DC n 
1 12 DG n 
# 
loop_
_chem_comp.id 
_chem_comp.type 
_chem_comp.mon_nstd_flag 
_chem_comp.name 
_chem_comp.pdbx_synonyms 
_chem_comp.formula 
_chem_comp.formula_weight 
DA  'DNA linking' y "2'-DEOXYADENOSINE-5'-MONOPHOSPHATE"   ? 'C10 H14 N5 O6 P' 331.222 
DAP non-polymer   . '6-AMIDINE-2-(4-AMIDINO-PHENYL)INDOLE' ? 'C16 H15 N5'      277.324 
DC  'DNA linking' y "2'-DEOXYCYTIDINE-5'-MONOPHOSPHATE"    ? 'C9 H14 N3 O7 P'  307.197 
DG  'DNA linking' y "2'-DEOXYGUANOSINE-5'-MONOPHOSPHATE"   ? 'C10 H14 N5 O7 P' 347.221 
DT  'DNA linking' y "THYMIDINE-5'-MONOPHOSPHATE"           ? 'C10 H15 N2 O8 P' 322.208 
HOH non-polymer   . WATER                                  ? 'H2 O'            18.015  
# 
loop_
_pdbx_poly_seq_scheme.asym_id 
_pdbx_poly_seq_scheme.entity_id 
_pdbx_poly_seq_scheme.seq_id 
_pdbx_poly_seq_scheme.mon_id 
_pdbx_poly_seq_scheme.ndb_seq_num 
_pdbx_poly_seq_scheme.pdb_seq_num 
_pdbx_poly_seq_scheme.auth_seq_num 
_pdbx_poly_seq_scheme.pdb_mon_id 
_pdbx_poly_seq_scheme.auth_mon_id 
_pdbx_poly_seq_scheme.pdb_strand_id 
_pdbx_poly_seq_scheme.pdb_ins_code 
_pdbx_poly_seq_scheme.hetero 
A 1 1  DC 1  1  1  DC C A . n 
A 1 2  DG 2  2  2  DG G A . n 
A 1 3  DC 3  3  3  DC C A . n 
A 1 4  DG 4  4  4  DG G A . n 
A 1 5  DA 5  5  5  DA A A . n 
A 1 6  DA 6  6  6  DA A A . n 
A 1 7  DT 7  7  7  DT T A . n 
A 1 8  DT 8  8  8  DT T A . n 
A 1 9  DC 9  9  9  DC C A . n 
A 1 10 DG 10 10 10 DG G A . n 
A 1 11 DC 11 11 11 DC C A . n 
A 1 12 DG 12 12 12 DG G A . n 
B 1 1  DC 1  13 13 DC C B . n 
B 1 2  DG 2  14 14 DG G B . n 
B 1 3  DC 3  15 15 DC C B . n 
B 1 4  DG 4  16 16 DG G B . n 
B 1 5  DA 5  17 17 DA A B . n 
B 1 6  DA 6  18 18 DA A B . n 
B 1 7  DT 7  19 19 DT T B . n 
B 1 8  DT 8  20 20 DT T B . n 
B 1 9  DC 9  21 21 DC C B . n 
B 1 10 DG 10 22 22 DG G B . n 
B 1 11 DC 11 23 23 DC C B . n 
B 1 12 DG 12 24 24 DG G B . n 
# 
loop_
_pdbx_nonpoly_scheme.asym_id 
_pdbx_nonpoly_scheme.entity_id 
_pdbx_nonpoly_scheme.mon_id 
_pdbx_nonpoly_scheme.ndb_seq_num 
_pdbx_nonpoly_scheme.pdb_seq_num 
_pdbx_nonpoly_scheme.auth_seq_num 
_pdbx_nonpoly_scheme.pdb_mon_id 
_pdbx_nonpoly_scheme.auth_mon_id 
_pdbx_nonpoly_scheme.pdb_strand_id 
_pdbx_nonpoly_scheme.pdb_ins_code 
C 2 DAP 1  25 25 DAP DAP A . 
D 3 HOH 1  26 26 HOH HOH A . 
D 3 HOH 2  28 28 HOH HOH A . 
D 3 HOH 3  30 30 HOH HOH A . 
D 3 HOH 4  31 31 HOH HOH A . 
D 3 HOH 5  32 32 HOH HOH A . 
D 3 HOH 6  33 33 HOH HOH A . 
D 3 HOH 7  35 35 HOH HOH A . 
D 3 HOH 8  36 36 HOH HOH A . 
D 3 HOH 9  37 37 HOH HOH A . 
D 3 HOH 10 38 38 HOH HOH A . 
D 3 HOH 11 39 39 HOH HOH A . 
D 3 HOH 12 42 42 HOH HOH A . 
D 3 HOH 13 43 43 HOH HOH A . 
D 3 HOH 14 46 46 HOH HOH A . 
D 3 HOH 15 47 47 HOH HOH A . 
D 3 HOH 16 48 48 HOH HOH A . 
E 3 HOH 1  27 27 HOH HOH B . 
E 3 HOH 2  29 29 HOH HOH B . 
E 3 HOH 3  34 34 HOH HOH B . 
E 3 HOH 4  40 40 HOH HOH B . 
E 3 HOH 5  41 41 HOH HOH B . 
E 3 HOH 6  44 44 HOH HOH B . 
E 3 HOH 7  45 45 HOH HOH B . 
E 3 HOH 8  49 49 HOH HOH B . 
E 3 HOH 9  50 50 HOH HOH B . 
# 
_software.name             NUCLSQ 
_software.classification   refinement 
_software.version          . 
_software.citation_id      ? 
_software.pdbx_ordinal     1 
# 
_cell.entry_id           1D30 
_cell.length_a           25.350 
_cell.length_b           40.710 
_cell.length_c           66.530 
_cell.angle_alpha        90.00 
_cell.angle_beta         90.00 
_cell.angle_gamma        90.00 
_cell.Z_PDB              8 
_cell.pdbx_unique_axis   ? 
# 
_symmetry.entry_id                         1D30 
_symmetry.space_group_name_H-M             'P 21 21 21' 
_symmetry.pdbx_full_space_group_name_H-M   ? 
_symmetry.cell_setting                     ? 
_symmetry.Int_Tables_number                19 
# 
_exptl.entry_id          1D30 
_exptl.method            'X-RAY DIFFRACTION' 
_exptl.crystals_number   ? 
# 
_exptl_crystal.id                    1 
_exptl_crystal.density_meas          ? 
_exptl_crystal.density_Matthews      2.34 
_exptl_crystal.density_percent_sol   47.50 
_exptl_crystal.description           ? 
# 
_exptl_crystal_grow.crystal_id      1 
_exptl_crystal_grow.method          'VAPOR DIFFUSION' 
_exptl_crystal_grow.temp            277.00 
_exptl_crystal_grow.temp_details    ? 
_exptl_crystal_grow.pH              7.00 
_exptl_crystal_grow.pdbx_details    'pH 7.00, VAPOR DIFFUSION, temperature 277.00K' 
_exptl_crystal_grow.pdbx_pH_range   ? 
# 
loop_
_exptl_crystal_grow_comp.crystal_id 
_exptl_crystal_grow_comp.id 
_exptl_crystal_grow_comp.sol_id 
_exptl_crystal_grow_comp.name 
_exptl_crystal_grow_comp.volume 
_exptl_crystal_grow_comp.conc 
_exptl_crystal_grow_comp.details 
1 1 1 WATER        ? ? ? 
1 2 1 MPD          ? ? ? 
1 3 1 SPERMINE     ? ? ? 
1 4 1 'MG ACETATE' ? ? ? 
1 5 2 WATER        ? ? ? 
1 6 2 MPD          ? ? ? 
# 
_diffrn.id                     1 
_diffrn.ambient_temp           ? 
_diffrn.ambient_temp_details   'ROOM TEMPERATURE' 
_diffrn.crystal_id             1 
# 
_diffrn_detector.diffrn_id              1 
_diffrn_detector.detector               'AREA DETECTOR' 
_diffrn_detector.type                   SDMS 
_diffrn_detector.pdbx_collection_date   ? 
_diffrn_detector.details                ? 
# 
_diffrn_radiation.diffrn_id                        1 
_diffrn_radiation.wavelength_id                    1 
_diffrn_radiation.pdbx_monochromatic_or_laue_m_l   ? 
_diffrn_radiation.monochromator                    ? 
_diffrn_radiation.pdbx_diffrn_protocol             ? 
_diffrn_radiation.pdbx_scattering_type             x-ray 
# 
_diffrn_radiation_wavelength.id           1 
_diffrn_radiation_wavelength.wavelength   . 
_diffrn_radiation_wavelength.wt           1.0 
# 
_diffrn_source.diffrn_id                   1 
_diffrn_source.source                      ? 
_diffrn_source.type                        ? 
_diffrn_source.pdbx_synchrotron_site       ? 
_diffrn_source.pdbx_synchrotron_beamline   ? 
_diffrn_source.pdbx_wavelength             ? 
_diffrn_source.pdbx_wavelength_list        ? 
# 
_reflns.entry_id                     1D30 
_reflns.observed_criterion_sigma_I   ? 
_reflns.observed_criterion_sigma_F   ? 
_reflns.d_resolution_low             ? 
_reflns.d_resolution_high            2.400 
_reflns.number_obs                   2541 
_reflns.number_all                   9292 
_reflns.percent_possible_obs         ? 
_reflns.pdbx_Rmerge_I_obs            ? 
_reflns.pdbx_Rsym_value              ? 
_reflns.pdbx_netI_over_sigmaI        ? 
_reflns.B_iso_Wilson_estimate        ? 
_reflns.pdbx_redundancy              ? 
_reflns.pdbx_diffrn_id               1 
_reflns.pdbx_ordinal                 1 
# 
_refine.entry_id                                 1D30 
_refine.ls_number_reflns_obs                     2541 
_refine.ls_number_reflns_all                     ? 
_refine.pdbx_ls_sigma_I                          ? 
_refine.pdbx_ls_sigma_F                          2.000 
_refine.pdbx_data_cutoff_high_absF               ? 
_refine.pdbx_data_cutoff_low_absF                ? 
_refine.pdbx_data_cutoff_high_rms_absF           ? 
_refine.ls_d_res_low                             10.000 
_refine.ls_d_res_high                            2.400 
_refine.ls_percent_reflns_obs                    ? 
_refine.ls_R_factor_obs                          0.2220000 
_refine.ls_R_factor_all                          ? 
_refine.ls_R_factor_R_work                       ? 
_refine.ls_R_factor_R_free                       ? 
_refine.ls_R_factor_R_free_error                 ? 
_refine.ls_R_factor_R_free_error_details         ? 
_refine.ls_percent_reflns_R_free                 ? 
_refine.ls_number_reflns_R_free                  ? 
_refine.ls_number_parameters                     ? 
_refine.ls_number_restraints                     ? 
_refine.occupancy_min                            ? 
_refine.occupancy_max                            ? 
_refine.B_iso_mean                               ? 
_refine.aniso_B[1][1]                            ? 
_refine.aniso_B[2][2]                            ? 
_refine.aniso_B[3][3]                            ? 
_refine.aniso_B[1][2]                            ? 
_refine.aniso_B[1][3]                            ? 
_refine.aniso_B[2][3]                            ? 
_refine.solvent_model_details                    ? 
_refine.solvent_model_param_ksol                 ? 
_refine.solvent_model_param_bsol                 ? 
_refine.pdbx_ls_cross_valid_method               ? 
_refine.details                                  ? 
_refine.pdbx_starting_model                      ? 
_refine.pdbx_method_to_determine_struct          ? 
_refine.pdbx_isotropic_thermal_model             ? 
_refine.pdbx_stereochemistry_target_values       ? 
_refine.pdbx_stereochem_target_val_spec_case     ? 
_refine.pdbx_R_Free_selection_details            ? 
_refine.pdbx_overall_ESU_R                       ? 
_refine.pdbx_overall_ESU_R_Free                  ? 
_refine.overall_SU_ML                            ? 
_refine.overall_SU_B                             ? 
_refine.pdbx_refine_id                           'X-RAY DIFFRACTION' 
_refine.pdbx_diffrn_id                           1 
_refine.pdbx_TLS_residual_ADP_flag               ? 
_refine.correlation_coeff_Fo_to_Fc               ? 
_refine.correlation_coeff_Fo_to_Fc_free          ? 
_refine.pdbx_solvent_vdw_probe_radii             ? 
_refine.pdbx_solvent_ion_probe_radii             ? 
_refine.pdbx_solvent_shrinkage_radii             ? 
_refine.pdbx_overall_phase_error                 ? 
_refine.overall_SU_R_Cruickshank_DPI             ? 
_refine.pdbx_overall_SU_R_free_Cruickshank_DPI   ? 
_refine.pdbx_overall_SU_R_Blow_DPI               ? 
_refine.pdbx_overall_SU_R_free_Blow_DPI          ? 
# 
_refine_hist.pdbx_refine_id                   'X-RAY DIFFRACTION' 
_refine_hist.cycle_id                         LAST 
_refine_hist.pdbx_number_atoms_protein        0 
_refine_hist.pdbx_number_atoms_nucleic_acid   486 
_refine_hist.pdbx_number_atoms_ligand         21 
_refine_hist.number_atoms_solvent             25 
_refine_hist.number_atoms_total               532 
_refine_hist.d_res_high                       2.400 
_refine_hist.d_res_low                        10.000 
# 
_struct.entry_id                  1D30 
_struct.title                     'THE STRUCTURE OF DAPI BOUND TO DNA' 
_struct.pdbx_model_details        ? 
_struct.pdbx_CASP_flag            ? 
_struct.pdbx_model_type_details   ? 
# 
_struct_keywords.entry_id        1D30 
_struct_keywords.pdbx_keywords   DNA 
_struct_keywords.text            'B-DNA, DOUBLE HELIX, COMPLEXED WITH DRUG, DNA' 
# 
loop_
_struct_asym.id 
_struct_asym.pdbx_blank_PDB_chainid_flag 
_struct_asym.pdbx_modified 
_struct_asym.entity_id 
_struct_asym.details 
A N N 1 ? 
B N N 1 ? 
C N N 2 ? 
D N N 3 ? 
E N N 3 ? 
# 
_struct_ref.id                         1 
_struct_ref.entity_id                  1 
_struct_ref.db_name                    PDB 
_struct_ref.db_code                    1D30 
_struct_ref.pdbx_db_accession          1D30 
_struct_ref.pdbx_db_isoform            ? 
_struct_ref.pdbx_seq_one_letter_code   ? 
_struct_ref.pdbx_align_begin           ? 
# 
loop_
_struct_ref_seq.align_id 
_struct_ref_seq.ref_id 
_struct_ref_seq.pdbx_PDB_id_code 
_struct_ref_seq.pdbx_strand_id 
_struct_ref_seq.seq_align_beg 
_struct_ref_seq.pdbx_seq_align_beg_ins_code 
_struct_ref_seq.seq_align_end 
_struct_ref_seq.pdbx_seq_align_end_ins_code 
_struct_ref_seq.pdbx_db_accession 
_struct_ref_seq.db_align_beg 
_struct_ref_seq.pdbx_db_align_beg_ins_code 
_struct_ref_seq.db_align_end 
_struct_ref_seq.pdbx_db_align_end_ins_code 
_struct_ref_seq.pdbx_auth_seq_align_beg 
_struct_ref_seq.pdbx_auth_seq_align_end 
1 1 1D30 A 1 ? 12 ? 1D30 1  ? 12 ? 1  12 
2 1 1D30 B 1 ? 12 ? 1D30 13 ? 24 ? 13 24 
# 
_pdbx_struct_assembly.id                   1 
_pdbx_struct_assembly.details              author_defined_assembly 
_pdbx_struct_assembly.method_details       ? 
_pdbx_struct_assembly.oligomeric_details   dimeric 
_pdbx_struct_assembly.oligomeric_count     2 
# 
_pdbx_struct_assembly_gen.assembly_id       1 
_pdbx_struct_assembly_gen.oper_expression   1 
_pdbx_struct_assembly_gen.asym_id_list      A,B,C,D,E 
# 
_pdbx_struct_oper_list.id                   1 
_pdbx_struct_oper_list.type                 'identity operation' 
_pdbx_struct_oper_list.name                 1_555 
_pdbx_struct_oper_list.symmetry_operation   x,y,z 
_pdbx_struct_oper_list.matrix[1][1]         1.0000000000 
_pdbx_struct_oper_list.matrix[1][2]         0.0000000000 
_pdbx_struct_oper_list.matrix[1][3]         0.0000000000 
_pdbx_struct_oper_list.vector[1]            0.0000000000 
_pdbx_struct_oper_list.matrix[2][1]         0.0000000000 
_pdbx_struct_oper_list.matrix[2][2]         1.0000000000 
_pdbx_struct_oper_list.matrix[2][3]         0.0000000000 
_pdbx_struct_oper_list.vector[2]            0.0000000000 
_pdbx_struct_oper_list.matrix[3][1]         0.0000000000 
_pdbx_struct_oper_list.matrix[3][2]         0.0000000000 
_pdbx_struct_oper_list.matrix[3][3]         1.0000000000 
_pdbx_struct_oper_list.vector[3]            0.0000000000 
# 
_struct_biol.id   1 
# 
loop_
_struct_conn.id 
_struct_conn.conn_type_id 
_struct_conn.pdbx_leaving_atom_flag 
_struct_conn.pdbx_PDB_id 
_struct_conn.ptnr1_label_asym_id 
_struct_conn.ptnr1_label_comp_id 
_struct_conn.ptnr1_label_seq_id 
_struct_conn.ptnr1_label_atom_id 
_struct_conn.pdbx_ptnr1_label_alt_id 
_struct_conn.pdbx_ptnr1_PDB_ins_code 
_struct_conn.pdbx_ptnr1_standard_comp_id 
_struct_conn.ptnr1_symmetry 
_struct_conn.ptnr2_label_asym_id 
_struct_conn.ptnr2_label_comp_id 
_struct_conn.ptnr2_label_seq_id 
_struct_conn.ptnr2_label_atom_id 
_struct_conn.pdbx_ptnr2_label_alt_id 
_struct_conn.pdbx_ptnr2_PDB_ins_code 
_struct_conn.ptnr1_auth_asym_id 
_struct_conn.ptnr1_auth_comp_id 
_struct_conn.ptnr1_auth_seq_id 
_struct_conn.ptnr2_auth_asym_id 
_struct_conn.ptnr2_auth_comp_id 
_struct_conn.ptnr2_auth_seq_id 
_struct_conn.ptnr2_symmetry 
_struct_conn.pdbx_ptnr3_label_atom_id 
_struct_conn.pdbx_ptnr3_label_seq_id 
_struct_conn.pdbx_ptnr3_label_comp_id 
_struct_conn.pdbx_ptnr3_label_asym_id 
_struct_conn.pdbx_ptnr3_label_alt_id 
_struct_conn.pdbx_ptnr3_PDB_ins_code 
_struct_conn.details 
_struct_conn.pdbx_dist_value 
_struct_conn.pdbx_value_order 
_struct_conn.pdbx_role 
hydrog1  hydrog ? ? A DC 1  N3 ? ? ? 1_555 B DG 12 N1 ? ? A DC 1  B DG 24 1_555 ? ? ? ? ? ? WATSON-CRICK ? ? ? 
hydrog2  hydrog ? ? A DC 1  N4 ? ? ? 1_555 B DG 12 O6 ? ? A DC 1  B DG 24 1_555 ? ? ? ? ? ? WATSON-CRICK ? ? ? 
hydrog3  hydrog ? ? A DC 1  O2 ? ? ? 1_555 B DG 12 N2 ? ? A DC 1  B DG 24 1_555 ? ? ? ? ? ? WATSON-CRICK ? ? ? 
hydrog4  hydrog ? ? A DG 2  N1 ? ? ? 1_555 B DC 11 N3 ? ? A DG 2  B DC 23 1_555 ? ? ? ? ? ? WATSON-CRICK ? ? ? 
hydrog5  hydrog ? ? A DG 2  N2 ? ? ? 1_555 B DC 11 O2 ? ? A DG 2  B DC 23 1_555 ? ? ? ? ? ? WATSON-CRICK ? ? ? 
hydrog6  hydrog ? ? A DG 2  O6 ? ? ? 1_555 B DC 11 N4 ? ? A DG 2  B DC 23 1_555 ? ? ? ? ? ? WATSON-CRICK ? ? ? 
hydrog7  hydrog ? ? A DC 3  N3 ? ? ? 1_555 B DG 10 N1 ? ? A DC 3  B DG 22 1_555 ? ? ? ? ? ? WATSON-CRICK ? ? ? 
hydrog8  hydrog ? ? A DC 3  N4 ? ? ? 1_555 B DG 10 O6 ? ? A DC 3  B DG 22 1_555 ? ? ? ? ? ? WATSON-CRICK ? ? ? 
hydrog9  hydrog ? ? A DC 3  O2 ? ? ? 1_555 B DG 10 N2 ? ? A DC 3  B DG 22 1_555 ? ? ? ? ? ? WATSON-CRICK ? ? ? 
hydrog10 hydrog ? ? A DG 4  N1 ? ? ? 1_555 B DC 9  N3 ? ? A DG 4  B DC 21 1_555 ? ? ? ? ? ? WATSON-CRICK ? ? ? 
hydrog11 hydrog ? ? A DG 4  N2 ? ? ? 1_555 B DC 9  O2 ? ? A DG 4  B DC 21 1_555 ? ? ? ? ? ? WATSON-CRICK ? ? ? 
hydrog12 hydrog ? ? A DG 4  O6 ? ? ? 1_555 B DC 9  N4 ? ? A DG 4  B DC 21 1_555 ? ? ? ? ? ? WATSON-CRICK ? ? ? 
hydrog13 hydrog ? ? A DA 5  N1 ? ? ? 1_555 B DT 8  N3 ? ? A DA 5  B DT 20 1_555 ? ? ? ? ? ? WATSON-CRICK ? ? ? 
hydrog14 hydrog ? ? A DA 5  N6 ? ? ? 1_555 B DT 8  O4 ? ? A DA 5  B DT 20 1_555 ? ? ? ? ? ? WATSON-CRICK ? ? ? 
hydrog15 hydrog ? ? A DA 6  N1 ? ? ? 1_555 B DT 7  N3 ? ? A DA 6  B DT 19 1_555 ? ? ? ? ? ? WATSON-CRICK ? ? ? 
hydrog16 hydrog ? ? A DA 6  N6 ? ? ? 1_555 B DT 7  O4 ? ? A DA 6  B DT 19 1_555 ? ? ? ? ? ? WATSON-CRICK ? ? ? 
hydrog17 hydrog ? ? A DT 7  N3 ? ? ? 1_555 B DA 6  N1 ? ? A DT 7  B DA 18 1_555 ? ? ? ? ? ? WATSON-CRICK ? ? ? 
hydrog18 hydrog ? ? A DT 7  O4 ? ? ? 1_555 B DA 6  N6 ? ? A DT 7  B DA 18 1_555 ? ? ? ? ? ? WATSON-CRICK ? ? ? 
hydrog19 hydrog ? ? A DT 8  N3 ? ? ? 1_555 B DA 5  N1 ? ? A DT 8  B DA 17 1_555 ? ? ? ? ? ? WATSON-CRICK ? ? ? 
hydrog20 hydrog ? ? A DT 8  O4 ? ? ? 1_555 B DA 5  N6 ? ? A DT 8  B DA 17 1_555 ? ? ? ? ? ? WATSON-CRICK ? ? ? 
hydrog21 hydrog ? ? A DC 9  N3 ? ? ? 1_555 B DG 4  N1 ? ? A DC 9  B DG 16 1_555 ? ? ? ? ? ? WATSON-CRICK ? ? ? 
hydrog22 hydrog ? ? A DC 9  N4 ? ? ? 1_555 B DG 4  O6 ? ? A DC 9  B DG 16 1_555 ? ? ? ? ? ? WATSON-CRICK ? ? ? 
hydrog23 hydrog ? ? A DC 9  O2 ? ? ? 1_555 B DG 4  N2 ? ? A DC 9  B DG 16 1_555 ? ? ? ? ? ? WATSON-CRICK ? ? ? 
hydrog24 hydrog ? ? A DG 10 N1 ? ? ? 1_555 B DC 3  N3 ? ? A DG 10 B DC 15 1_555 ? ? ? ? ? ? WATSON-CRICK ? ? ? 
hydrog25 hydrog ? ? A DG 10 N2 ? ? ? 1_555 B DC 3  O2 ? ? A DG 10 B DC 15 1_555 ? ? ? ? ? ? WATSON-CRICK ? ? ? 
hydrog26 hydrog ? ? A DG 10 O6 ? ? ? 1_555 B DC 3  N4 ? ? A DG 10 B DC 15 1_555 ? ? ? ? ? ? WATSON-CRICK ? ? ? 
hydrog27 hydrog ? ? A DC 11 N3 ? ? ? 1_555 B DG 2  N1 ? ? A DC 11 B DG 14 1_555 ? ? ? ? ? ? WATSON-CRICK ? ? ? 
hydrog28 hydrog ? ? A DC 11 N4 ? ? ? 1_555 B DG 2  O6 ? ? A DC 11 B DG 14 1_555 ? ? ? ? ? ? WATSON-CRICK ? ? ? 
hydrog29 hydrog ? ? A DC 11 O2 ? ? ? 1_555 B DG 2  N2 ? ? A DC 11 B DG 14 1_555 ? ? ? ? ? ? WATSON-CRICK ? ? ? 
hydrog30 hydrog ? ? A DG 12 N1 ? ? ? 1_555 B DC 1  N3 ? ? A DG 12 B DC 13 1_555 ? ? ? ? ? ? WATSON-CRICK ? ? ? 
hydrog31 hydrog ? ? A DG 12 N2 ? ? ? 1_555 B DC 1  O2 ? ? A DG 12 B DC 13 1_555 ? ? ? ? ? ? WATSON-CRICK ? ? ? 
hydrog32 hydrog ? ? A DG 12 O6 ? ? ? 1_555 B DC 1  N4 ? ? A DG 12 B DC 13 1_555 ? ? ? ? ? ? WATSON-CRICK ? ? ? 
# 
_struct_conn_type.id          hydrog 
_struct_conn_type.criteria    ? 
_struct_conn_type.reference   ? 
# 
loop_
_struct_site.id 
_struct_site.pdbx_evidence_code 
_struct_site.pdbx_auth_asym_id 
_struct_site.pdbx_auth_comp_id 
_struct_site.pdbx_auth_seq_id 
_struct_site.pdbx_auth_ins_code 
_struct_site.pdbx_num_residues 
_struct_site.details 
AC1 Software A DAP 25 ? 10 'BINDING SITE FOR RESIDUE DAP A 25' 
1   ?        ? ?   ?  ? ?  ?                                   
# 
loop_
_struct_site_gen.id 
_struct_site_gen.site_id 
_struct_site_gen.pdbx_num_res 
_struct_site_gen.label_comp_id 
_struct_site_gen.label_asym_id 
_struct_site_gen.label_seq_id 
_struct_site_gen.pdbx_auth_ins_code 
_struct_site_gen.auth_comp_id 
_struct_site_gen.auth_asym_id 
_struct_site_gen.auth_seq_id 
_struct_site_gen.label_atom_id 
_struct_site_gen.label_alt_id 
_struct_site_gen.symmetry 
_struct_site_gen.details 
1  AC1 10 DA  A 6 ? DA  A 6  . ? 1_555 ? 
2  AC1 10 DT  A 7 ? DT  A 7  . ? 1_555 ? 
3  AC1 10 DT  A 8 ? DT  A 8  . ? 1_555 ? 
4  AC1 10 DC  A 9 ? DC  A 9  . ? 1_555 ? 
5  AC1 10 HOH D . ? HOH A 26 . ? 1_555 ? 
6  AC1 10 DA  B 5 ? DA  B 17 . ? 1_555 ? 
7  AC1 10 DA  B 6 ? DA  B 18 . ? 1_555 ? 
8  AC1 10 DT  B 7 ? DT  B 19 . ? 1_555 ? 
9  AC1 10 DT  B 8 ? DT  B 20 . ? 1_555 ? 
10 AC1 10 DC  B 9 ? DC  B 21 . ? 1_555 ? 
# 
loop_
_pdbx_validate_rmsd_bond.id 
_pdbx_validate_rmsd_bond.PDB_model_num 
_pdbx_validate_rmsd_bond.auth_atom_id_1 
_pdbx_validate_rmsd_bond.auth_asym_id_1 
_pdbx_validate_rmsd_bond.auth_comp_id_1 
_pdbx_validate_rmsd_bond.auth_seq_id_1 
_pdbx_validate_rmsd_bond.PDB_ins_code_1 
_pdbx_validate_rmsd_bond.label_alt_id_1 
_pdbx_validate_rmsd_bond.auth_atom_id_2 
_pdbx_validate_rmsd_bond.auth_asym_id_2 
_pdbx_validate_rmsd_bond.auth_comp_id_2 
_pdbx_validate_rmsd_bond.auth_seq_id_2 
_pdbx_validate_rmsd_bond.PDB_ins_code_2 
_pdbx_validate_rmsd_bond.label_alt_id_2 
_pdbx_validate_rmsd_bond.bond_value 
_pdbx_validate_rmsd_bond.bond_target_value 
_pdbx_validate_rmsd_bond.bond_deviation 
_pdbx_validate_rmsd_bond.bond_standard_deviation 
_pdbx_validate_rmsd_bond.linker_flag 
1  1 P     A DG 4  ? ? "O5'" A DG 4  ? ? 1.674 1.593 0.081  0.010 N 
2  1 "O3'" A DG 4  ? ? P     A DA 5  ? ? 1.716 1.607 0.109  0.012 Y 
3  1 C4    A DA 6  ? ? C5    A DA 6  ? ? 1.335 1.383 -0.048 0.007 N 
4  1 C5    A DA 6  ? ? N7    A DA 6  ? ? 1.425 1.388 0.037  0.006 N 
5  1 "O3'" A DA 6  ? ? P     A DT 7  ? ? 1.682 1.607 0.075  0.012 Y 
6  1 "O3'" A DT 7  ? ? "C3'" A DT 7  ? ? 1.383 1.419 -0.036 0.006 N 
7  1 C4    A DT 7  ? ? O4    A DT 7  ? ? 1.289 1.228 0.061  0.009 N 
8  1 P     A DT 8  ? ? OP1   A DT 8  ? ? 1.336 1.485 -0.149 0.017 N 
9  1 P     A DT 8  ? ? "O5'" A DT 8  ? ? 1.684 1.593 0.091  0.010 N 
10 1 "O4'" A DT 8  ? ? "C4'" A DT 8  ? ? 1.378 1.446 -0.068 0.010 N 
11 1 "O3'" A DT 8  ? ? "C3'" A DT 8  ? ? 1.370 1.419 -0.049 0.006 N 
12 1 N3    A DT 8  ? ? C4    A DT 8  ? ? 1.324 1.382 -0.058 0.008 N 
13 1 P     B DG 14 ? ? "O5'" B DG 14 ? ? 1.677 1.593 0.084  0.010 N 
14 1 C6    B DG 14 ? ? N1    B DG 14 ? ? 1.339 1.391 -0.052 0.007 N 
15 1 C8    B DG 14 ? ? N9    B DG 14 ? ? 1.328 1.374 -0.046 0.007 N 
16 1 N1    B DC 15 ? ? C2    B DC 15 ? ? 1.330 1.397 -0.067 0.010 N 
17 1 "O4'" B DG 16 ? ? "C4'" B DG 16 ? ? 1.384 1.446 -0.062 0.010 N 
18 1 "C2'" B DT 19 ? ? "C1'" B DT 19 ? ? 1.455 1.518 -0.063 0.010 N 
19 1 C4    B DT 19 ? ? O4    B DT 19 ? ? 1.283 1.228 0.055  0.009 N 
20 1 C6    B DT 20 ? ? N1    B DT 20 ? ? 1.323 1.378 -0.055 0.007 N 
21 1 C4    B DT 20 ? ? O4    B DT 20 ? ? 1.286 1.228 0.058  0.009 N 
22 1 P     B DG 22 ? ? "O5'" B DG 22 ? ? 1.667 1.593 0.074  0.010 N 
23 1 C5    B DG 22 ? ? N7    B DG 22 ? ? 1.434 1.388 0.046  0.006 N 
# 
loop_
_pdbx_validate_rmsd_angle.id 
_pdbx_validate_rmsd_angle.PDB_model_num 
_pdbx_validate_rmsd_angle.auth_atom_id_1 
_pdbx_validate_rmsd_angle.auth_asym_id_1 
_pdbx_validate_rmsd_angle.auth_comp_id_1 
_pdbx_validate_rmsd_angle.auth_seq_id_1 
_pdbx_validate_rmsd_angle.PDB_ins_code_1 
_pdbx_validate_rmsd_angle.label_alt_id_1 
_pdbx_validate_rmsd_angle.auth_atom_id_2 
_pdbx_validate_rmsd_angle.auth_asym_id_2 
_pdbx_validate_rmsd_angle.auth_comp_id_2 
_pdbx_validate_rmsd_angle.auth_seq_id_2 
_pdbx_validate_rmsd_angle.PDB_ins_code_2 
_pdbx_validate_rmsd_angle.label_alt_id_2 
_pdbx_validate_rmsd_angle.auth_atom_id_3 
_pdbx_validate_rmsd_angle.auth_asym_id_3 
_pdbx_validate_rmsd_angle.auth_comp_id_3 
_pdbx_validate_rmsd_angle.auth_seq_id_3 
_pdbx_validate_rmsd_angle.PDB_ins_code_3 
_pdbx_validate_rmsd_angle.label_alt_id_3 
_pdbx_validate_rmsd_angle.angle_value 
_pdbx_validate_rmsd_angle.angle_target_value 
_pdbx_validate_rmsd_angle.angle_deviation 
_pdbx_validate_rmsd_angle.angle_standard_deviation 
_pdbx_validate_rmsd_angle.linker_flag 
1   1 "O4'" A DC 1  ? ? "C4'" A DC 1  ? ? "C3'" A DC 1  ? ? 92.18  104.50 -12.32 0.40 N 
2   1 "C5'" A DC 1  ? ? "C4'" A DC 1  ? ? "C3'" A DC 1  ? ? 126.49 115.70 10.79  1.20 N 
3   1 "C1'" A DC 1  ? ? "O4'" A DC 1  ? ? "C4'" A DC 1  ? ? 115.25 110.30 4.95   0.70 N 
4   1 "O4'" A DC 1  ? ? "C1'" A DC 1  ? ? N1    A DC 1  ? ? 116.23 108.30 7.93   0.30 N 
5   1 N1    A DC 1  ? ? C2    A DC 1  ? ? O2    A DC 1  ? ? 126.77 118.90 7.87   0.60 N 
6   1 N3    A DC 1  ? ? C2    A DC 1  ? ? O2    A DC 1  ? ? 113.06 121.90 -8.84  0.70 N 
7   1 "O3'" A DC 1  ? ? P     A DG 2  ? ? OP1   A DG 2  ? ? 89.79  105.20 -15.41 2.20 Y 
8   1 "O5'" A DG 2  ? ? "C5'" A DG 2  ? ? "C4'" A DG 2  ? ? 102.58 109.40 -6.82  0.80 N 
9   1 "O4'" A DG 2  ? ? "C1'" A DG 2  ? ? N9    A DG 2  ? ? 110.69 108.30 2.39   0.30 N 
10  1 N1    A DG 2  ? ? C2    A DG 2  ? ? N2    A DG 2  ? ? 106.03 116.20 -10.17 0.90 N 
11  1 N3    A DG 2  ? ? C2    A DG 2  ? ? N2    A DG 2  ? ? 127.69 119.90 7.79   0.70 N 
12  1 N1    A DG 2  ? ? C6    A DG 2  ? ? O6    A DG 2  ? ? 115.48 119.90 -4.42  0.60 N 
13  1 "O5'" A DC 3  ? ? P     A DC 3  ? ? OP1   A DC 3  ? ? 133.36 110.70 22.66  1.20 N 
14  1 "O5'" A DC 3  ? ? P     A DC 3  ? ? OP2   A DC 3  ? ? 95.41  105.70 -10.29 0.90 N 
15  1 "C5'" A DC 3  ? ? "C4'" A DC 3  ? ? "C3'" A DC 3  ? ? 123.30 115.70 7.60   1.20 N 
16  1 "C1'" A DC 3  ? ? "O4'" A DC 3  ? ? "C4'" A DC 3  ? ? 114.97 110.30 4.67   0.70 N 
17  1 "O4'" A DC 3  ? ? "C1'" A DC 3  ? ? "C2'" A DC 3  ? ? 100.72 105.90 -5.18  0.80 N 
18  1 "O4'" A DC 3  ? ? "C1'" A DC 3  ? ? N1    A DC 3  ? ? 113.57 108.30 5.27   0.30 N 
19  1 C5    A DC 3  ? ? C6    A DC 3  ? ? N1    A DC 3  ? ? 124.03 121.00 3.03   0.50 N 
20  1 N1    A DC 3  ? ? C2    A DC 3  ? ? O2    A DC 3  ? ? 125.00 118.90 6.10   0.60 N 
21  1 "O3'" A DC 3  ? ? P     A DG 4  ? ? "O5'" A DG 4  ? ? 89.77  104.00 -14.23 1.90 Y 
22  1 "O3'" A DC 3  ? ? P     A DG 4  ? ? OP1   A DG 4  ? ? 91.30  105.20 -13.90 2.20 Y 
23  1 OP1   A DG 4  ? ? P     A DG 4  ? ? OP2   A DG 4  ? ? 134.07 119.60 14.47  1.50 N 
24  1 "O5'" A DG 4  ? ? P     A DG 4  ? ? OP2   A DG 4  ? ? 118.96 110.70 8.26   1.20 N 
25  1 "C5'" A DG 4  ? ? "C4'" A DG 4  ? ? "O4'" A DG 4  ? ? 116.49 109.80 6.69   1.10 N 
26  1 "O4'" A DG 4  ? ? "C1'" A DG 4  ? ? "C2'" A DG 4  ? ? 100.39 105.90 -5.51  0.80 N 
27  1 "O4'" A DG 4  ? ? "C1'" A DG 4  ? ? N9    A DG 4  ? ? 112.71 108.30 4.41   0.30 N 
28  1 C2    A DG 4  ? ? N3    A DG 4  ? ? C4    A DG 4  ? ? 108.43 111.90 -3.47  0.50 N 
29  1 N3    A DG 4  ? ? C4    A DG 4  ? ? C5    A DG 4  ? ? 131.69 128.60 3.09   0.50 N 
30  1 C4    A DG 4  ? ? C5    A DG 4  ? ? N7    A DG 4  ? ? 114.26 110.80 3.46   0.40 N 
31  1 C5    A DG 4  ? ? N7    A DG 4  ? ? C8    A DG 4  ? ? 99.33  104.30 -4.97  0.50 N 
32  1 N7    A DG 4  ? ? C8    A DG 4  ? ? N9    A DG 4  ? ? 116.60 113.10 3.50   0.50 N 
33  1 N1    A DG 4  ? ? C6    A DG 4  ? ? O6    A DG 4  ? ? 126.78 119.90 6.88   0.60 N 
34  1 C5    A DG 4  ? ? C6    A DG 4  ? ? O6    A DG 4  ? ? 123.17 128.60 -5.43  0.60 N 
35  1 "O3'" A DG 4  ? ? P     A DA 5  ? ? OP1   A DA 5  ? ? 85.10  105.20 -20.10 2.20 Y 
36  1 "O5'" A DA 5  ? ? "C5'" A DA 5  ? ? "C4'" A DA 5  ? ? 104.15 109.40 -5.25  0.80 N 
37  1 "O4'" A DA 5  ? ? "C1'" A DA 5  ? ? "C2'" A DA 5  ? ? 100.75 105.90 -5.15  0.80 N 
38  1 "O4'" A DA 5  ? ? "C1'" A DA 5  ? ? N9    A DA 5  ? ? 117.70 108.30 9.40   0.30 N 
39  1 N1    A DA 5  ? ? C2    A DA 5  ? ? N3    A DA 5  ? ? 124.88 129.30 -4.42  0.50 N 
40  1 C2    A DA 5  ? ? N3    A DA 5  ? ? C4    A DA 5  ? ? 114.95 110.60 4.35   0.50 N 
41  1 N1    A DA 5  ? ? C6    A DA 5  ? ? N6    A DA 5  ? ? 112.50 118.60 -6.10  0.60 N 
42  1 C5    A DA 5  ? ? C6    A DA 5  ? ? N6    A DA 5  ? ? 129.01 123.70 5.31   0.80 N 
43  1 "C3'" A DA 5  ? ? "O3'" A DA 5  ? ? P     A DA 6  ? ? 152.37 119.70 32.67  1.20 Y 
44  1 OP1   A DA 6  ? ? P     A DA 6  ? ? OP2   A DA 6  ? ? 135.01 119.60 15.41  1.50 N 
45  1 "O5'" A DA 6  ? ? P     A DA 6  ? ? OP1   A DA 6  ? ? 89.77  105.70 -15.93 0.90 N 
46  1 "O4'" A DA 6  ? ? "C1'" A DA 6  ? ? N9    A DA 6  ? ? 115.96 108.30 7.66   0.30 N 
47  1 N9    A DA 6  ? ? C4    A DA 6  ? ? C5    A DA 6  ? ? 108.40 105.80 2.60   0.40 N 
48  1 "O3'" A DA 6  ? ? P     A DT 7  ? ? "O5'" A DT 7  ? ? 89.98  104.00 -14.02 1.90 Y 
49  1 "O3'" A DA 6  ? ? P     A DT 7  ? ? OP1   A DT 7  ? ? 87.02  105.20 -18.18 2.20 Y 
50  1 OP1   A DT 7  ? ? P     A DT 7  ? ? OP2   A DT 7  ? ? 152.27 119.60 32.67  1.50 N 
51  1 "O5'" A DT 7  ? ? P     A DT 7  ? ? OP1   A DT 7  ? ? 100.02 105.70 -5.68  0.90 N 
52  1 "O4'" A DT 7  ? ? "C1'" A DT 7  ? ? "C2'" A DT 7  ? ? 96.99  105.90 -8.91  0.80 N 
53  1 "O4'" A DT 7  ? ? "C1'" A DT 7  ? ? N1    A DT 7  ? ? 111.82 108.30 3.52   0.30 N 
54  1 N1    A DT 7  ? ? C2    A DT 7  ? ? N3    A DT 7  ? ? 118.25 114.60 3.65   0.60 N 
55  1 C2    A DT 7  ? ? N3    A DT 7  ? ? C4    A DT 7  ? ? 121.06 127.20 -6.14  0.60 N 
56  1 N3    A DT 7  ? ? C4    A DT 7  ? ? C5    A DT 7  ? ? 119.14 115.20 3.94   0.60 N 
57  1 N3    A DT 7  ? ? C2    A DT 7  ? ? O2    A DT 7  ? ? 115.56 122.30 -6.74  0.60 N 
58  1 C5    A DT 7  ? ? C4    A DT 7  ? ? O4    A DT 7  ? ? 120.61 124.90 -4.29  0.70 N 
59  1 "C3'" A DT 7  ? ? "O3'" A DT 7  ? ? P     A DT 8  ? ? 131.88 119.70 12.18  1.20 Y 
60  1 OP1   A DT 8  ? ? P     A DT 8  ? ? OP2   A DT 8  ? ? 139.36 119.60 19.76  1.50 N 
61  1 "O5'" A DT 8  ? ? "C5'" A DT 8  ? ? "C4'" A DT 8  ? ? 102.35 109.40 -7.05  0.80 N 
62  1 "O4'" A DT 8  ? ? "C1'" A DT 8  ? ? "C2'" A DT 8  ? ? 97.35  105.90 -8.55  0.80 N 
63  1 "O4'" A DT 8  ? ? "C1'" A DT 8  ? ? N1    A DT 8  ? ? 113.12 108.30 4.82   0.30 N 
64  1 C6    A DT 8  ? ? N1    A DT 8  ? ? C2    A DT 8  ? ? 116.29 121.30 -5.01  0.50 N 
65  1 N1    A DT 8  ? ? C2    A DT 8  ? ? N3    A DT 8  ? ? 119.13 114.60 4.53   0.60 N 
66  1 C2    A DT 8  ? ? N3    A DT 8  ? ? C4    A DT 8  ? ? 123.35 127.20 -3.85  0.60 N 
67  1 N1    A DT 8  ? ? C2    A DT 8  ? ? O2    A DT 8  ? ? 117.72 123.10 -5.38  0.80 N 
68  1 C4    A DT 8  ? ? C5    A DT 8  ? ? C7    A DT 8  ? ? 127.60 119.00 8.60   0.60 N 
69  1 C6    A DT 8  ? ? C5    A DT 8  ? ? C7    A DT 8  ? ? 114.78 122.90 -8.12  0.60 N 
70  1 "C3'" A DT 8  ? ? "O3'" A DT 8  ? ? P     A DC 9  ? ? 147.18 119.70 27.48  1.20 Y 
71  1 OP1   A DC 9  ? ? P     A DC 9  ? ? OP2   A DC 9  ? ? 138.27 119.60 18.67  1.50 N 
72  1 "O5'" A DC 9  ? ? "C5'" A DC 9  ? ? "C4'" A DC 9  ? ? 101.83 109.40 -7.57  0.80 N 
73  1 "C1'" A DC 9  ? ? "O4'" A DC 9  ? ? "C4'" A DC 9  ? ? 115.12 110.30 4.82   0.70 N 
74  1 "C3'" A DC 9  ? ? "C2'" A DC 9  ? ? "C1'" A DC 9  ? ? 110.41 102.50 7.91   1.20 N 
75  1 "O4'" A DC 9  ? ? "C1'" A DC 9  ? ? "C2'" A DC 9  ? ? 92.88  105.90 -13.02 0.80 N 
76  1 "O4'" A DC 9  ? ? "C1'" A DC 9  ? ? N1    A DC 9  ? ? 97.07  108.00 -10.93 0.70 N 
77  1 N3    A DC 9  ? ? C4    A DC 9  ? ? C5    A DC 9  ? ? 118.61 121.90 -3.29  0.40 N 
78  1 "O4'" A DG 10 ? ? "C4'" A DG 10 ? ? "C3'" A DG 10 ? ? 100.66 104.50 -3.84  0.40 N 
79  1 "C4'" A DG 10 ? ? "C3'" A DG 10 ? ? "C2'" A DG 10 ? ? 96.92  102.20 -5.28  0.70 N 
80  1 "C3'" A DG 10 ? ? "C2'" A DG 10 ? ? "C1'" A DG 10 ? ? 97.28  102.40 -5.12  0.80 N 
81  1 "O4'" A DG 10 ? ? "C1'" A DG 10 ? ? N9    A DG 10 ? ? 119.98 108.30 11.68  0.30 N 
82  1 C5    A DG 10 ? ? C6    A DG 10 ? ? N1    A DG 10 ? ? 115.24 111.50 3.74   0.50 N 
83  1 "O5'" A DC 11 ? ? P     A DC 11 ? ? OP1   A DC 11 ? ? 93.77  105.70 -11.93 0.90 N 
84  1 P     A DC 11 ? ? "O5'" A DC 11 ? ? "C5'" A DC 11 ? ? 110.35 120.90 -10.55 1.60 N 
85  1 "O4'" A DC 11 ? ? "C1'" A DC 11 ? ? "C2'" A DC 11 ? ? 99.49  105.90 -6.41  0.80 N 
86  1 "O4'" A DC 11 ? ? "C1'" A DC 11 ? ? N1    A DC 11 ? ? 100.52 108.00 -7.48  0.70 N 
87  1 N3    A DC 11 ? ? C4    A DC 11 ? ? C5    A DC 11 ? ? 117.98 121.90 -3.92  0.40 N 
88  1 N3    A DC 11 ? ? C4    A DC 11 ? ? N4    A DC 11 ? ? 126.34 118.00 8.34   0.70 N 
89  1 C5    A DC 11 ? ? C4    A DC 11 ? ? N4    A DC 11 ? ? 115.66 120.20 -4.54  0.70 N 
90  1 OP1   A DG 12 ? ? P     A DG 12 ? ? OP2   A DG 12 ? ? 133.51 119.60 13.91  1.50 N 
91  1 "O5'" A DG 12 ? ? "C5'" A DG 12 ? ? "C4'" A DG 12 ? ? 100.66 109.40 -8.74  0.80 N 
92  1 P     A DG 12 ? ? "O5'" A DG 12 ? ? "C5'" A DG 12 ? ? 131.92 120.90 11.02  1.60 N 
93  1 "O4'" A DG 12 ? ? "C1'" A DG 12 ? ? "C2'" A DG 12 ? ? 110.40 106.80 3.60   0.50 N 
94  1 C6    A DG 12 ? ? N1    A DG 12 ? ? C2    A DG 12 ? ? 120.11 125.10 -4.99  0.60 N 
95  1 C5    A DG 12 ? ? C6    A DG 12 ? ? N1    A DG 12 ? ? 115.98 111.50 4.48   0.50 N 
96  1 N1    A DG 12 ? ? C6    A DG 12 ? ? O6    A DG 12 ? ? 115.20 119.90 -4.70  0.60 N 
97  1 "O5'" B DC 13 ? ? "C5'" B DC 13 ? ? "C4'" B DC 13 ? ? 101.60 109.40 -7.80  0.80 N 
98  1 "O4'" B DC 13 ? ? "C1'" B DC 13 ? ? "C2'" B DC 13 ? ? 99.09  105.90 -6.81  0.80 N 
99  1 "O4'" B DC 13 ? ? "C1'" B DC 13 ? ? N1    B DC 13 ? ? 99.48  108.00 -8.52  0.70 N 
100 1 C2    B DC 13 ? ? N3    B DC 13 ? ? C4    B DC 13 ? ? 123.00 119.90 3.10   0.50 N 
101 1 N3    B DC 13 ? ? C2    B DC 13 ? ? O2    B DC 13 ? ? 127.45 121.90 5.55   0.70 N 
102 1 N3    B DC 13 ? ? C4    B DC 13 ? ? N4    B DC 13 ? ? 124.93 118.00 6.93   0.70 N 
103 1 C5    B DC 13 ? ? C4    B DC 13 ? ? N4    B DC 13 ? ? 114.00 120.20 -6.20  0.70 N 
104 1 "C3'" B DC 13 ? ? "O3'" B DC 13 ? ? P     B DG 14 ? ? 139.82 119.70 20.12  1.20 Y 
105 1 OP1   B DG 14 ? ? P     B DG 14 ? ? OP2   B DG 14 ? ? 144.34 119.60 24.74  1.50 N 
106 1 "O5'" B DG 14 ? ? P     B DG 14 ? ? OP1   B DG 14 ? ? 90.70  105.70 -15.00 0.90 N 
107 1 P     B DG 14 ? ? "O5'" B DG 14 ? ? "C5'" B DG 14 ? ? 109.51 120.90 -11.39 1.60 N 
108 1 "O4'" B DG 14 ? ? "C4'" B DG 14 ? ? "C3'" B DG 14 ? ? 111.23 106.00 5.23   0.60 N 
109 1 "O4'" B DG 14 ? ? "C1'" B DG 14 ? ? "C2'" B DG 14 ? ? 111.92 106.80 5.12   0.50 N 
110 1 "O3'" B DG 14 ? ? P     B DC 15 ? ? OP2   B DC 15 ? ? 118.97 110.50 8.47   1.10 Y 
111 1 OP1   B DC 15 ? ? P     B DC 15 ? ? OP2   B DC 15 ? ? 137.58 119.60 17.98  1.50 N 
112 1 "O5'" B DC 15 ? ? P     B DC 15 ? ? OP1   B DC 15 ? ? 97.83  105.70 -7.87  0.90 N 
113 1 "O4'" B DC 15 ? ? "C1'" B DC 15 ? ? "C2'" B DC 15 ? ? 97.09  105.90 -8.81  0.80 N 
114 1 "O4'" B DC 15 ? ? "C1'" B DC 15 ? ? N1    B DC 15 ? ? 102.21 108.00 -5.79  0.70 N 
115 1 C5    B DC 15 ? ? C6    B DC 15 ? ? N1    B DC 15 ? ? 124.25 121.00 3.25   0.50 N 
116 1 "O3'" B DC 15 ? ? P     B DG 16 ? ? OP2   B DG 16 ? ? 118.44 110.50 7.94   1.10 Y 
117 1 "O4'" B DG 16 ? ? "C1'" B DG 16 ? ? N9    B DG 16 ? ? 113.21 108.30 4.91   0.30 N 
118 1 C5    B DG 16 ? ? C6    B DG 16 ? ? N1    B DG 16 ? ? 115.44 111.50 3.94   0.50 N 
119 1 N1    B DG 16 ? ? C6    B DG 16 ? ? O6    B DG 16 ? ? 115.47 119.90 -4.43  0.60 N 
120 1 "C3'" B DG 16 ? ? "O3'" B DG 16 ? ? P     B DA 17 ? ? 151.23 119.70 31.53  1.20 Y 
121 1 OP1   B DA 17 ? ? P     B DA 17 ? ? OP2   B DA 17 ? ? 110.12 119.60 -9.48  1.50 N 
122 1 "O5'" B DA 17 ? ? P     B DA 17 ? ? OP2   B DA 17 ? ? 120.98 110.70 10.28  1.20 N 
123 1 "C5'" B DA 17 ? ? "C4'" B DA 17 ? ? "O4'" B DA 17 ? ? 116.51 109.80 6.71   1.10 N 
124 1 "O4'" B DA 17 ? ? "C1'" B DA 17 ? ? "C2'" B DA 17 ? ? 100.53 105.90 -5.37  0.80 N 
125 1 "O4'" B DA 17 ? ? "C1'" B DA 17 ? ? N9    B DA 17 ? ? 123.74 108.30 15.44  0.30 N 
126 1 C6    B DA 17 ? ? N1    B DA 17 ? ? C2    B DA 17 ? ? 126.73 118.60 8.13   0.60 N 
127 1 N1    B DA 17 ? ? C2    B DA 17 ? ? N3    B DA 17 ? ? 120.00 129.30 -9.30  0.50 N 
128 1 C2    B DA 17 ? ? N3    B DA 17 ? ? C4    B DA 17 ? ? 115.00 110.60 4.40   0.50 N 
129 1 C5    B DA 17 ? ? C6    B DA 17 ? ? N1    B DA 17 ? ? 114.30 117.70 -3.40  0.50 N 
130 1 C5    B DA 17 ? ? N7    B DA 17 ? ? C8    B DA 17 ? ? 99.39  103.90 -4.51  0.50 N 
131 1 N7    B DA 17 ? ? C8    B DA 17 ? ? N9    B DA 17 ? ? 117.93 113.80 4.13   0.50 N 
132 1 N1    B DA 17 ? ? C6    B DA 17 ? ? N6    B DA 17 ? ? 126.12 118.60 7.52   0.60 N 
133 1 "C3'" B DA 17 ? ? "O3'" B DA 17 ? ? P     B DA 18 ? ? 129.75 119.70 10.05  1.20 Y 
134 1 "O5'" B DA 18 ? ? P     B DA 18 ? ? OP2   B DA 18 ? ? 124.68 110.70 13.98  1.20 N 
135 1 "O4'" B DA 18 ? ? "C4'" B DA 18 ? ? "C3'" B DA 18 ? ? 99.16  104.50 -5.34  0.40 N 
136 1 "C1'" B DA 18 ? ? "O4'" B DA 18 ? ? "C4'" B DA 18 ? ? 116.84 110.30 6.54   0.70 N 
137 1 "O4'" B DA 18 ? ? "C1'" B DA 18 ? ? "C2'" B DA 18 ? ? 99.47  105.90 -6.43  0.80 N 
138 1 "O4'" B DA 18 ? ? "C1'" B DA 18 ? ? N9    B DA 18 ? ? 123.50 108.30 15.20  0.30 N 
139 1 C6    B DA 18 ? ? N1    B DA 18 ? ? C2    B DA 18 ? ? 124.08 118.60 5.48   0.60 N 
140 1 N1    B DA 18 ? ? C2    B DA 18 ? ? N3    B DA 18 ? ? 121.19 129.30 -8.11  0.50 N 
141 1 C2    B DA 18 ? ? N3    B DA 18 ? ? C4    B DA 18 ? ? 115.38 110.60 4.78   0.50 N 
142 1 OP1   B DT 19 ? ? P     B DT 19 ? ? OP2   B DT 19 ? ? 130.81 119.60 11.21  1.50 N 
143 1 "O4'" B DT 19 ? ? "C4'" B DT 19 ? ? "C3'" B DT 19 ? ? 101.18 104.50 -3.32  0.40 N 
144 1 "C1'" B DT 19 ? ? "O4'" B DT 19 ? ? "C4'" B DT 19 ? ? 103.60 110.10 -6.50  1.00 N 
145 1 N1    B DT 19 ? ? C2    B DT 19 ? ? N3    B DT 19 ? ? 118.27 114.60 3.67   0.60 N 
146 1 C2    B DT 19 ? ? N3    B DT 19 ? ? C4    B DT 19 ? ? 120.16 127.20 -7.04  0.60 N 
147 1 N3    B DT 19 ? ? C4    B DT 19 ? ? C5    B DT 19 ? ? 121.22 115.20 6.02   0.60 N 
148 1 N3    B DT 19 ? ? C4    B DT 19 ? ? O4    B DT 19 ? ? 115.46 119.90 -4.44  0.60 N 
149 1 C4    B DT 19 ? ? C5    B DT 19 ? ? C7    B DT 19 ? ? 124.96 119.00 5.96   0.60 N 
150 1 C6    B DT 19 ? ? C5    B DT 19 ? ? C7    B DT 19 ? ? 118.02 122.90 -4.88  0.60 N 
151 1 "O5'" B DT 20 ? ? P     B DT 20 ? ? OP2   B DT 20 ? ? 100.16 105.70 -5.54  0.90 N 
152 1 "O4'" B DT 20 ? ? "C4'" B DT 20 ? ? "C3'" B DT 20 ? ? 109.87 106.00 3.87   0.60 N 
153 1 "C5'" B DT 20 ? ? "C4'" B DT 20 ? ? "O4'" B DT 20 ? ? 96.84  109.30 -12.46 1.90 N 
154 1 "O4'" B DT 20 ? ? "C1'" B DT 20 ? ? N1    B DT 20 ? ? 100.63 108.00 -7.37  0.70 N 
155 1 N3    B DT 20 ? ? C4    B DT 20 ? ? C5    B DT 20 ? ? 119.51 115.20 4.31   0.60 N 
156 1 C5    B DT 20 ? ? C4    B DT 20 ? ? O4    B DT 20 ? ? 118.71 124.90 -6.19  0.70 N 
157 1 "C3'" B DT 20 ? ? "O3'" B DT 20 ? ? P     B DC 21 ? ? 141.57 119.70 21.87  1.20 Y 
158 1 "O3'" B DT 20 ? ? P     B DC 21 ? ? OP2   B DC 21 ? ? 118.43 110.50 7.93   1.10 Y 
159 1 "O5'" B DC 21 ? ? P     B DC 21 ? ? OP2   B DC 21 ? ? 94.48  105.70 -11.22 0.90 N 
160 1 "C4'" B DC 21 ? ? "C3'" B DC 21 ? ? "C2'" B DC 21 ? ? 95.96  102.20 -6.24  0.70 N 
161 1 "O4'" B DC 21 ? ? "C1'" B DC 21 ? ? "C2'" B DC 21 ? ? 94.63  105.90 -11.27 0.80 N 
162 1 C2    B DC 21 ? ? N3    B DC 21 ? ? C4    B DC 21 ? ? 122.96 119.90 3.06   0.50 N 
163 1 N3    B DC 21 ? ? C4    B DC 21 ? ? C5    B DC 21 ? ? 118.19 121.90 -3.71  0.40 N 
164 1 N1    B DC 21 ? ? C2    B DC 21 ? ? O2    B DC 21 ? ? 124.82 118.90 5.92   0.60 N 
165 1 N3    B DC 21 ? ? C2    B DC 21 ? ? O2    B DC 21 ? ? 117.56 121.90 -4.34  0.70 N 
166 1 "C5'" B DG 22 ? ? "C4'" B DG 22 ? ? "O4'" B DG 22 ? ? 121.18 109.80 11.38  1.10 N 
167 1 "C3'" B DG 22 ? ? "C2'" B DG 22 ? ? "C1'" B DG 22 ? ? 97.08  102.40 -5.32  0.80 N 
168 1 "O4'" B DG 22 ? ? "C1'" B DG 22 ? ? N9    B DG 22 ? ? 117.21 108.30 8.91   0.30 N 
169 1 N1    B DG 22 ? ? C2    B DG 22 ? ? N2    B DG 22 ? ? 106.04 116.20 -10.16 0.90 N 
170 1 N3    B DG 22 ? ? C2    B DG 22 ? ? N2    B DG 22 ? ? 128.97 119.90 9.07   0.70 N 
171 1 OP1   B DC 23 ? ? P     B DC 23 ? ? OP2   B DC 23 ? ? 132.14 119.60 12.54  1.50 N 
172 1 "O5'" B DC 23 ? ? P     B DC 23 ? ? OP1   B DC 23 ? ? 99.98  105.70 -5.72  0.90 N 
173 1 N1    B DC 23 ? ? "C1'" B DC 23 ? ? "C2'" B DC 23 ? ? 125.89 114.30 11.59  1.40 N 
174 1 "O4'" B DC 23 ? ? "C1'" B DC 23 ? ? N1    B DC 23 ? ? 110.84 108.30 2.54   0.30 N 
175 1 C6    B DC 23 ? ? N1    B DC 23 ? ? C2    B DC 23 ? ? 117.77 120.30 -2.53  0.40 N 
176 1 C5    B DC 23 ? ? C6    B DC 23 ? ? N1    B DC 23 ? ? 126.14 121.00 5.14   0.50 N 
177 1 N3    B DC 23 ? ? C4    B DC 23 ? ? N4    B DC 23 ? ? 112.57 118.00 -5.43  0.70 N 
178 1 C5    B DC 23 ? ? C4    B DC 23 ? ? N4    B DC 23 ? ? 125.42 120.20 5.22   0.70 N 
179 1 C6    B DC 23 ? ? N1    B DC 23 ? ? "C1'" B DC 23 ? ? 129.73 120.80 8.93   1.20 N 
180 1 C2    B DC 23 ? ? N1    B DC 23 ? ? "C1'" B DC 23 ? ? 111.86 118.80 -6.94  1.10 N 
181 1 OP1   B DG 24 ? ? P     B DG 24 ? ? OP2   B DG 24 ? ? 105.26 119.60 -14.34 1.50 N 
182 1 "O5'" B DG 24 ? ? P     B DG 24 ? ? OP2   B DG 24 ? ? 123.05 110.70 12.35  1.20 N 
183 1 "O4'" B DG 24 ? ? "C4'" B DG 24 ? ? "C3'" B DG 24 ? ? 100.22 104.50 -4.28  0.40 N 
184 1 "C4'" B DG 24 ? ? "C3'" B DG 24 ? ? "C2'" B DG 24 ? ? 96.67  102.20 -5.53  0.70 N 
185 1 "C3'" B DG 24 ? ? "C2'" B DG 24 ? ? "C1'" B DG 24 ? ? 97.38  102.40 -5.02  0.80 N 
186 1 N9    B DG 24 ? ? "C1'" B DG 24 ? ? "C2'" B DG 24 ? ? 123.40 114.30 9.10   1.40 N 
187 1 "O4'" B DG 24 ? ? "C1'" B DG 24 ? ? N9    B DG 24 ? ? 100.30 108.00 -7.70  0.70 N 
188 1 C6    B DG 24 ? ? N1    B DG 24 ? ? C2    B DG 24 ? ? 120.92 125.10 -4.18  0.60 N 
189 1 N9    B DG 24 ? ? C4    B DG 24 ? ? C5    B DG 24 ? ? 107.94 105.40 2.54   0.40 N 
# 
_struct_site_keywords.site_id   1 
_struct_site_keywords.text      'MINOR GROOVE BINDER' 
# 
loop_
_refine_B_iso.class 
_refine_B_iso.details 
_refine_B_iso.treatment 
_refine_B_iso.pdbx_refine_id 
'ALL ATOMS'  TR isotropic 'X-RAY DIFFRACTION' 
'ALL WATERS' TR isotropic 'X-RAY DIFFRACTION' 
# 
loop_
_refine_occupancy.class 
_refine_occupancy.treatment 
_refine_occupancy.pdbx_refine_id 
'ALL ATOMS'  fix 'X-RAY DIFFRACTION' 
'ALL WATERS' fix 'X-RAY DIFFRACTION' 
# 
loop_
_chem_comp_atom.comp_id 
_chem_comp_atom.atom_id 
_chem_comp_atom.type_symbol 
_chem_comp_atom.pdbx_aromatic_flag 
_chem_comp_atom.pdbx_stereo_config 
_chem_comp_atom.pdbx_ordinal 
DA  OP3    O N N 1   
DA  P      P N N 2   
DA  OP1    O N N 3   
DA  OP2    O N N 4   
DA  "O5'"  O N N 5   
DA  "C5'"  C N N 6   
DA  "C4'"  C N R 7   
DA  "O4'"  O N N 8   
DA  "C3'"  C N S 9   
DA  "O3'"  O N N 10  
DA  "C2'"  C N N 11  
DA  "C1'"  C N R 12  
DA  N9     N Y N 13  
DA  C8     C Y N 14  
DA  N7     N Y N 15  
DA  C5     C Y N 16  
DA  C6     C Y N 17  
DA  N6     N N N 18  
DA  N1     N Y N 19  
DA  C2     C Y N 20  
DA  N3     N Y N 21  
DA  C4     C Y N 22  
DA  HOP3   H N N 23  
DA  HOP2   H N N 24  
DA  "H5'"  H N N 25  
DA  "H5''" H N N 26  
DA  "H4'"  H N N 27  
DA  "H3'"  H N N 28  
DA  "HO3'" H N N 29  
DA  "H2'"  H N N 30  
DA  "H2''" H N N 31  
DA  "H1'"  H N N 32  
DA  H8     H N N 33  
DA  H61    H N N 34  
DA  H62    H N N 35  
DA  H2     H N N 36  
DAP N1     N Y N 37  
DAP C2     C Y N 38  
DAP C3     C Y N 39  
DAP C4     C Y N 40  
DAP C5     C Y N 41  
DAP C6     C Y N 42  
DAP C7     C Y N 43  
DAP C8     C Y N 44  
DAP C9     C Y N 45  
DAP C10    C N N 46  
DAP N2     N N N 47  
DAP N3     N N N 48  
DAP "C1'"  C Y N 49  
DAP "C2'"  C Y N 50  
DAP "C3'"  C Y N 51  
DAP "C4'"  C Y N 52  
DAP "C5'"  C Y N 53  
DAP "C6'"  C Y N 54  
DAP C11    C N N 55  
DAP N4     N N N 56  
DAP N5     N N N 57  
DAP HN1    H N N 58  
DAP H3     H N N 59  
DAP H4     H N N 60  
DAP H5     H N N 61  
DAP H7     H N N 62  
DAP HN2    H N N 63  
DAP HN31   H N N 64  
DAP HN32   H N N 65  
DAP "H2'"  H N N 66  
DAP "H3'"  H N N 67  
DAP "H5'"  H N N 68  
DAP "H6'"  H N N 69  
DAP HN4    H N N 70  
DAP HN51   H N N 71  
DAP HN52   H N N 72  
DC  OP3    O N N 73  
DC  P      P N N 74  
DC  OP1    O N N 75  
DC  OP2    O N N 76  
DC  "O5'"  O N N 77  
DC  "C5'"  C N N 78  
DC  "C4'"  C N R 79  
DC  "O4'"  O N N 80  
DC  "C3'"  C N S 81  
DC  "O3'"  O N N 82  
DC  "C2'"  C N N 83  
DC  "C1'"  C N R 84  
DC  N1     N N N 85  
DC  C2     C N N 86  
DC  O2     O N N 87  
DC  N3     N N N 88  
DC  C4     C N N 89  
DC  N4     N N N 90  
DC  C5     C N N 91  
DC  C6     C N N 92  
DC  HOP3   H N N 93  
DC  HOP2   H N N 94  
DC  "H5'"  H N N 95  
DC  "H5''" H N N 96  
DC  "H4'"  H N N 97  
DC  "H3'"  H N N 98  
DC  "HO3'" H N N 99  
DC  "H2'"  H N N 100 
DC  "H2''" H N N 101 
DC  "H1'"  H N N 102 
DC  H41    H N N 103 
DC  H42    H N N 104 
DC  H5     H N N 105 
DC  H6     H N N 106 
DG  OP3    O N N 107 
DG  P      P N N 108 
DG  OP1    O N N 109 
DG  OP2    O N N 110 
DG  "O5'"  O N N 111 
DG  "C5'"  C N N 112 
DG  "C4'"  C N R 113 
DG  "O4'"  O N N 114 
DG  "C3'"  C N S 115 
DG  "O3'"  O N N 116 
DG  "C2'"  C N N 117 
DG  "C1'"  C N R 118 
DG  N9     N Y N 119 
DG  C8     C Y N 120 
DG  N7     N Y N 121 
DG  C5     C Y N 122 
DG  C6     C N N 123 
DG  O6     O N N 124 
DG  N1     N N N 125 
DG  C2     C N N 126 
DG  N2     N N N 127 
DG  N3     N N N 128 
DG  C4     C Y N 129 
DG  HOP3   H N N 130 
DG  HOP2   H N N 131 
DG  "H5'"  H N N 132 
DG  "H5''" H N N 133 
DG  "H4'"  H N N 134 
DG  "H3'"  H N N 135 
DG  "HO3'" H N N 136 
DG  "H2'"  H N N 137 
DG  "H2''" H N N 138 
DG  "H1'"  H N N 139 
DG  H8     H N N 140 
DG  H1     H N N 141 
DG  H21    H N N 142 
DG  H22    H N N 143 
DT  OP3    O N N 144 
DT  P      P N N 145 
DT  OP1    O N N 146 
DT  OP2    O N N 147 
DT  "O5'"  O N N 148 
DT  "C5'"  C N N 149 
DT  "C4'"  C N R 150 
DT  "O4'"  O N N 151 
DT  "C3'"  C N S 152 
DT  "O3'"  O N N 153 
DT  "C2'"  C N N 154 
DT  "C1'"  C N R 155 
DT  N1     N N N 156 
DT  C2     C N N 157 
DT  O2     O N N 158 
DT  N3     N N N 159 
DT  C4     C N N 160 
DT  O4     O N N 161 
DT  C5     C N N 162 
DT  C7     C N N 163 
DT  C6     C N N 164 
DT  HOP3   H N N 165 
DT  HOP2   H N N 166 
DT  "H5'"  H N N 167 
DT  "H5''" H N N 168 
DT  "H4'"  H N N 169 
DT  "H3'"  H N N 170 
DT  "HO3'" H N N 171 
DT  "H2'"  H N N 172 
DT  "H2''" H N N 173 
DT  "H1'"  H N N 174 
DT  H3     H N N 175 
DT  H71    H N N 176 
DT  H72    H N N 177 
DT  H73    H N N 178 
DT  H6     H N N 179 
HOH O      O N N 180 
HOH H1     H N N 181 
HOH H2     H N N 182 
# 
loop_
_chem_comp_bond.comp_id 
_chem_comp_bond.atom_id_1 
_chem_comp_bond.atom_id_2 
_chem_comp_bond.value_order 
_chem_comp_bond.pdbx_aromatic_flag 
_chem_comp_bond.pdbx_stereo_config 
_chem_comp_bond.pdbx_ordinal 
DA  OP3   P      sing N N 1   
DA  OP3   HOP3   sing N N 2   
DA  P     OP1    doub N N 3   
DA  P     OP2    sing N N 4   
DA  P     "O5'"  sing N N 5   
DA  OP2   HOP2   sing N N 6   
DA  "O5'" "C5'"  sing N N 7   
DA  "C5'" "C4'"  sing N N 8   
DA  "C5'" "H5'"  sing N N 9   
DA  "C5'" "H5''" sing N N 10  
DA  "C4'" "O4'"  sing N N 11  
DA  "C4'" "C3'"  sing N N 12  
DA  "C4'" "H4'"  sing N N 13  
DA  "O4'" "C1'"  sing N N 14  
DA  "C3'" "O3'"  sing N N 15  
DA  "C3'" "C2'"  sing N N 16  
DA  "C3'" "H3'"  sing N N 17  
DA  "O3'" "HO3'" sing N N 18  
DA  "C2'" "C1'"  sing N N 19  
DA  "C2'" "H2'"  sing N N 20  
DA  "C2'" "H2''" sing N N 21  
DA  "C1'" N9     sing N N 22  
DA  "C1'" "H1'"  sing N N 23  
DA  N9    C8     sing Y N 24  
DA  N9    C4     sing Y N 25  
DA  C8    N7     doub Y N 26  
DA  C8    H8     sing N N 27  
DA  N7    C5     sing Y N 28  
DA  C5    C6     sing Y N 29  
DA  C5    C4     doub Y N 30  
DA  C6    N6     sing N N 31  
DA  C6    N1     doub Y N 32  
DA  N6    H61    sing N N 33  
DA  N6    H62    sing N N 34  
DA  N1    C2     sing Y N 35  
DA  C2    N3     doub Y N 36  
DA  C2    H2     sing N N 37  
DA  N3    C4     sing Y N 38  
DAP N1    C2     sing Y N 39  
DAP N1    C8     sing Y N 40  
DAP N1    HN1    sing N N 41  
DAP C2    C3     doub Y N 42  
DAP C2    "C1'"  sing Y N 43  
DAP C3    C9     sing Y N 44  
DAP C3    H3     sing N N 45  
DAP C4    C5     doub Y N 46  
DAP C4    C9     sing Y N 47  
DAP C4    H4     sing N N 48  
DAP C5    C6     sing Y N 49  
DAP C5    H5     sing N N 50  
DAP C6    C7     doub Y N 51  
DAP C6    C10    sing N N 52  
DAP C7    C8     sing Y N 53  
DAP C7    H7     sing N N 54  
DAP C8    C9     doub Y N 55  
DAP C10   N2     doub N N 56  
DAP C10   N3     sing N N 57  
DAP N2    HN2    sing N N 58  
DAP N3    HN31   sing N N 59  
DAP N3    HN32   sing N N 60  
DAP "C1'" "C2'"  doub Y N 61  
DAP "C1'" "C6'"  sing Y N 62  
DAP "C2'" "C3'"  sing Y N 63  
DAP "C2'" "H2'"  sing N N 64  
DAP "C3'" "C4'"  doub Y N 65  
DAP "C3'" "H3'"  sing N N 66  
DAP "C4'" "C5'"  sing Y N 67  
DAP "C4'" C11    sing N N 68  
DAP "C5'" "C6'"  doub Y N 69  
DAP "C5'" "H5'"  sing N N 70  
DAP "C6'" "H6'"  sing N N 71  
DAP C11   N4     doub N N 72  
DAP C11   N5     sing N N 73  
DAP N4    HN4    sing N N 74  
DAP N5    HN51   sing N N 75  
DAP N5    HN52   sing N N 76  
DC  OP3   P      sing N N 77  
DC  OP3   HOP3   sing N N 78  
DC  P     OP1    doub N N 79  
DC  P     OP2    sing N N 80  
DC  P     "O5'"  sing N N 81  
DC  OP2   HOP2   sing N N 82  
DC  "O5'" "C5'"  sing N N 83  
DC  "C5'" "C4'"  sing N N 84  
DC  "C5'" "H5'"  sing N N 85  
DC  "C5'" "H5''" sing N N 86  
DC  "C4'" "O4'"  sing N N 87  
DC  "C4'" "C3'"  sing N N 88  
DC  "C4'" "H4'"  sing N N 89  
DC  "O4'" "C1'"  sing N N 90  
DC  "C3'" "O3'"  sing N N 91  
DC  "C3'" "C2'"  sing N N 92  
DC  "C3'" "H3'"  sing N N 93  
DC  "O3'" "HO3'" sing N N 94  
DC  "C2'" "C1'"  sing N N 95  
DC  "C2'" "H2'"  sing N N 96  
DC  "C2'" "H2''" sing N N 97  
DC  "C1'" N1     sing N N 98  
DC  "C1'" "H1'"  sing N N 99  
DC  N1    C2     sing N N 100 
DC  N1    C6     sing N N 101 
DC  C2    O2     doub N N 102 
DC  C2    N3     sing N N 103 
DC  N3    C4     doub N N 104 
DC  C4    N4     sing N N 105 
DC  C4    C5     sing N N 106 
DC  N4    H41    sing N N 107 
DC  N4    H42    sing N N 108 
DC  C5    C6     doub N N 109 
DC  C5    H5     sing N N 110 
DC  C6    H6     sing N N 111 
DG  OP3   P      sing N N 112 
DG  OP3   HOP3   sing N N 113 
DG  P     OP1    doub N N 114 
DG  P     OP2    sing N N 115 
DG  P     "O5'"  sing N N 116 
DG  OP2   HOP2   sing N N 117 
DG  "O5'" "C5'"  sing N N 118 
DG  "C5'" "C4'"  sing N N 119 
DG  "C5'" "H5'"  sing N N 120 
DG  "C5'" "H5''" sing N N 121 
DG  "C4'" "O4'"  sing N N 122 
DG  "C4'" "C3'"  sing N N 123 
DG  "C4'" "H4'"  sing N N 124 
DG  "O4'" "C1'"  sing N N 125 
DG  "C3'" "O3'"  sing N N 126 
DG  "C3'" "C2'"  sing N N 127 
DG  "C3'" "H3'"  sing N N 128 
DG  "O3'" "HO3'" sing N N 129 
DG  "C2'" "C1'"  sing N N 130 
DG  "C2'" "H2'"  sing N N 131 
DG  "C2'" "H2''" sing N N 132 
DG  "C1'" N9     sing N N 133 
DG  "C1'" "H1'"  sing N N 134 
DG  N9    C8     sing Y N 135 
DG  N9    C4     sing Y N 136 
DG  C8    N7     doub Y N 137 
DG  C8    H8     sing N N 138 
DG  N7    C5     sing Y N 139 
DG  C5    C6     sing N N 140 
DG  C5    C4     doub Y N 141 
DG  C6    O6     doub N N 142 
DG  C6    N1     sing N N 143 
DG  N1    C2     sing N N 144 
DG  N1    H1     sing N N 145 
DG  C2    N2     sing N N 146 
DG  C2    N3     doub N N 147 
DG  N2    H21    sing N N 148 
DG  N2    H22    sing N N 149 
DG  N3    C4     sing N N 150 
DT  OP3   P      sing N N 151 
DT  OP3   HOP3   sing N N 152 
DT  P     OP1    doub N N 153 
DT  P     OP2    sing N N 154 
DT  P     "O5'"  sing N N 155 
DT  OP2   HOP2   sing N N 156 
DT  "O5'" "C5'"  sing N N 157 
DT  "C5'" "C4'"  sing N N 158 
DT  "C5'" "H5'"  sing N N 159 
DT  "C5'" "H5''" sing N N 160 
DT  "C4'" "O4'"  sing N N 161 
DT  "C4'" "C3'"  sing N N 162 
DT  "C4'" "H4'"  sing N N 163 
DT  "O4'" "C1'"  sing N N 164 
DT  "C3'" "O3'"  sing N N 165 
DT  "C3'" "C2'"  sing N N 166 
DT  "C3'" "H3'"  sing N N 167 
DT  "O3'" "HO3'" sing N N 168 
DT  "C2'" "C1'"  sing N N 169 
DT  "C2'" "H2'"  sing N N 170 
DT  "C2'" "H2''" sing N N 171 
DT  "C1'" N1     sing N N 172 
DT  "C1'" "H1'"  sing N N 173 
DT  N1    C2     sing N N 174 
DT  N1    C6     sing N N 175 
DT  C2    O2     doub N N 176 
DT  C2    N3     sing N N 177 
DT  N3    C4     sing N N 178 
DT  N3    H3     sing N N 179 
DT  C4    O4     doub N N 180 
DT  C4    C5     sing N N 181 
DT  C5    C7     sing N N 182 
DT  C5    C6     doub N N 183 
DT  C7    H71    sing N N 184 
DT  C7    H72    sing N N 185 
DT  C7    H73    sing N N 186 
DT  C6    H6     sing N N 187 
HOH O     H1     sing N N 188 
HOH O     H2     sing N N 189 
# 
_ndb_struct_conf_na.entry_id   1D30 
_ndb_struct_conf_na.feature    'b-form double helix' 
# 
loop_
_ndb_struct_na_base_pair.model_number 
_ndb_struct_na_base_pair.i_label_asym_id 
_ndb_struct_na_base_pair.i_label_comp_id 
_ndb_struct_na_base_pair.i_label_seq_id 
_ndb_struct_na_base_pair.i_symmetry 
_ndb_struct_na_base_pair.j_label_asym_id 
_ndb_struct_na_base_pair.j_label_comp_id 
_ndb_struct_na_base_pair.j_label_seq_id 
_ndb_struct_na_base_pair.j_symmetry 
_ndb_struct_na_base_pair.shear 
_ndb_struct_na_base_pair.stretch 
_ndb_struct_na_base_pair.stagger 
_ndb_struct_na_base_pair.buckle 
_ndb_struct_na_base_pair.propeller 
_ndb_struct_na_base_pair.opening 
_ndb_struct_na_base_pair.pair_number 
_ndb_struct_na_base_pair.pair_name 
_ndb_struct_na_base_pair.i_auth_asym_id 
_ndb_struct_na_base_pair.i_auth_seq_id 
_ndb_struct_na_base_pair.i_PDB_ins_code 
_ndb_struct_na_base_pair.j_auth_asym_id 
_ndb_struct_na_base_pair.j_auth_seq_id 
_ndb_struct_na_base_pair.j_PDB_ins_code 
_ndb_struct_na_base_pair.hbond_type_28 
_ndb_struct_na_base_pair.hbond_type_12 
1 A DC 1  1_555 B DG 12 1_555 0.046  -0.096 -0.153 6.150   -12.814 0.316  1  A_DC1:DG24_B  A 1  ? B 24 ? 19 1 
1 A DG 2  1_555 B DC 11 1_555 -0.346 -0.168 0.307  2.126   -20.075 -2.226 2  A_DG2:DC23_B  A 2  ? B 23 ? 19 1 
1 A DC 3  1_555 B DG 10 1_555 -0.054 -0.213 -0.175 -3.141  -14.431 -5.884 3  A_DC3:DG22_B  A 3  ? B 22 ? 19 1 
1 A DG 4  1_555 B DC 9  1_555 -0.055 -0.391 0.035  8.717   -12.580 -8.995 4  A_DG4:DC21_B  A 4  ? B 21 ? 19 1 
1 A DA 5  1_555 B DT 8  1_555 -0.102 -0.004 -0.257 -0.510  -15.040 1.733  5  A_DA5:DT20_B  A 5  ? B 20 ? 20 1 
1 A DA 6  1_555 B DT 7  1_555 -0.086 -0.027 0.661  8.983   -22.142 -4.366 6  A_DA6:DT19_B  A 6  ? B 19 ? 20 1 
1 A DT 7  1_555 B DA 6  1_555 -0.041 -0.152 0.175  -3.842  -23.837 6.146  7  A_DT7:DA18_B  A 7  ? B 18 ? 20 1 
1 A DT 8  1_555 B DA 5  1_555 0.124  -0.505 0.097  -6.864  -23.138 -2.771 8  A_DT8:DA17_B  A 8  ? B 17 ? 20 1 
1 A DC 9  1_555 B DG 4  1_555 0.148  -0.353 -0.022 -10.111 -12.539 2.144  9  A_DC9:DG16_B  A 9  ? B 16 ? 19 1 
1 A DG 10 1_555 B DC 3  1_555 -0.100 -0.199 0.038  8.738   -6.153  -1.228 10 A_DG10:DC15_B A 10 ? B 15 ? 19 1 
1 A DC 11 1_555 B DG 2  1_555 0.098  -0.460 0.173  1.173   -16.315 -4.409 11 A_DC11:DG14_B A 11 ? B 14 ? 19 1 
1 A DG 12 1_555 B DC 1  1_555 -0.059 -0.433 -0.594 -3.065  5.579   -4.381 12 A_DG12:DC13_B A 12 ? B 13 ? 19 1 
# 
loop_
_ndb_struct_na_base_pair_step.model_number 
_ndb_struct_na_base_pair_step.i_label_asym_id_1 
_ndb_struct_na_base_pair_step.i_label_comp_id_1 
_ndb_struct_na_base_pair_step.i_label_seq_id_1 
_ndb_struct_na_base_pair_step.i_symmetry_1 
_ndb_struct_na_base_pair_step.j_label_asym_id_1 
_ndb_struct_na_base_pair_step.j_label_comp_id_1 
_ndb_struct_na_base_pair_step.j_label_seq_id_1 
_ndb_struct_na_base_pair_step.j_symmetry_1 
_ndb_struct_na_base_pair_step.i_label_asym_id_2 
_ndb_struct_na_base_pair_step.i_label_comp_id_2 
_ndb_struct_na_base_pair_step.i_label_seq_id_2 
_ndb_struct_na_base_pair_step.i_symmetry_2 
_ndb_struct_na_base_pair_step.j_label_asym_id_2 
_ndb_struct_na_base_pair_step.j_label_comp_id_2 
_ndb_struct_na_base_pair_step.j_label_seq_id_2 
_ndb_struct_na_base_pair_step.j_symmetry_2 
_ndb_struct_na_base_pair_step.shift 
_ndb_struct_na_base_pair_step.slide 
_ndb_struct_na_base_pair_step.rise 
_ndb_struct_na_base_pair_step.tilt 
_ndb_struct_na_base_pair_step.roll 
_ndb_struct_na_base_pair_step.twist 
_ndb_struct_na_base_pair_step.x_displacement 
_ndb_struct_na_base_pair_step.y_displacement 
_ndb_struct_na_base_pair_step.helical_rise 
_ndb_struct_na_base_pair_step.inclination 
_ndb_struct_na_base_pair_step.tip 
_ndb_struct_na_base_pair_step.helical_twist 
_ndb_struct_na_base_pair_step.step_number 
_ndb_struct_na_base_pair_step.step_name 
_ndb_struct_na_base_pair_step.i_auth_asym_id_1 
_ndb_struct_na_base_pair_step.i_auth_seq_id_1 
_ndb_struct_na_base_pair_step.i_PDB_ins_code_1 
_ndb_struct_na_base_pair_step.j_auth_asym_id_1 
_ndb_struct_na_base_pair_step.j_auth_seq_id_1 
_ndb_struct_na_base_pair_step.j_PDB_ins_code_1 
_ndb_struct_na_base_pair_step.i_auth_asym_id_2 
_ndb_struct_na_base_pair_step.i_auth_seq_id_2 
_ndb_struct_na_base_pair_step.i_PDB_ins_code_2 
_ndb_struct_na_base_pair_step.j_auth_asym_id_2 
_ndb_struct_na_base_pair_step.j_auth_seq_id_2 
_ndb_struct_na_base_pair_step.j_PDB_ins_code_2 
1 A DC 1  1_555 B DG 12 1_555 A DG 2  1_555 B DC 11 1_555 -0.192 0.289  3.546 -4.983 6.951  36.954 -0.531 -0.405 3.536 10.790 
7.734   37.897 1  AA_DC1DG2:DC23DG24_BB   A 1  ? B 24 ? A 2  ? B 23 ? 
1 A DG 2  1_555 B DC 11 1_555 A DC 3  1_555 B DG 10 1_555 0.194  0.421  3.465 5.857  -3.553 40.511 1.009  0.397  3.412 -5.087 
-8.386  41.062 2  AA_DG2DC3:DG22DC23_BB   A 2  ? B 23 ? A 3  ? B 22 ? 
1 A DC 3  1_555 B DG 10 1_555 A DG 4  1_555 B DC 9  1_555 -0.189 0.629  3.313 -1.635 3.902  30.451 0.401  0.029  3.371 7.384  
3.093   30.736 3  AA_DC3DG4:DC21DG22_BB   A 3  ? B 22 ? A 4  ? B 21 ? 
1 A DG 4  1_555 B DC 9  1_555 A DA 5  1_555 B DT 8  1_555 0.383  -0.118 3.510 1.331  7.483  33.514 -1.456 -0.425 3.417 12.773 
-2.272  34.341 4  AA_DG4DA5:DT20DC21_BB   A 4  ? B 21 ? A 5  ? B 20 ? 
1 A DA 5  1_555 B DT 8  1_555 A DA 6  1_555 B DT 7  1_555 -0.170 -0.357 3.002 -7.794 -1.336 35.288 -0.401 -0.745 2.982 -2.170 
12.661  36.135 5  AA_DA5DA6:DT19DT20_BB   A 5  ? B 20 ? A 6  ? B 19 ? 
1 A DA 6  1_555 B DT 7  1_555 A DT 7  1_555 B DA 6  1_555 0.450  -0.840 3.604 5.797  1.490  36.284 -1.556 0.161  3.595 2.372  
-9.231  36.758 6  AA_DA6DT7:DA18DT19_BB   A 6  ? B 19 ? A 7  ? B 18 ? 
1 A DT 7  1_555 B DA 6  1_555 A DT 8  1_555 B DA 5  1_555 -0.658 -0.199 3.357 -1.332 3.209  35.156 -0.816 0.883  3.348 5.297  
2.199   35.322 7  AA_DT7DT8:DA17DA18_BB   A 7  ? B 18 ? A 8  ? B 17 ? 
1 A DT 8  1_555 B DA 5  1_555 A DC 9  1_555 B DG 4  1_555 -0.027 0.211  3.452 -0.549 -5.626 41.525 0.913  -0.023 3.397 -7.890 
0.770   41.891 8  AA_DT8DC9:DG16DA17_BB   A 8  ? B 17 ? A 9  ? B 16 ? 
1 A DC 9  1_555 B DG 4  1_555 A DG 10 1_555 B DC 3  1_555 0.305  0.943  3.117 0.110  1.827  24.542 1.671  -0.682 3.179 4.291  
-0.259  24.609 9  AA_DC9DG10:DC15DG16_BB  A 9  ? B 16 ? A 10 ? B 15 ? 
1 A DG 10 1_555 B DC 3  1_555 A DC 11 1_555 B DG 2  1_555 -0.864 0.618  3.648 -2.283 -6.105 42.052 1.538  0.935  3.569 -8.446 
3.159   42.531 10 AA_DG10DC11:DG14DC15_BB A 10 ? B 15 ? A 11 ? B 14 ? 
1 A DC 11 1_555 B DG 2  1_555 A DG 12 1_555 B DC 1  1_555 0.580  1.045  3.715 7.217  -3.128 38.548 1.977  0.115  3.668 -4.678 
-10.794 39.312 11 AA_DC11DG12:DC13DG14_BB A 11 ? B 14 ? A 12 ? B 13 ? 
# 
_atom_sites.entry_id                    1D30 
_atom_sites.fract_transf_matrix[1][1]   -0.03722497 
_atom_sites.fract_transf_matrix[1][2]   0.01237548 
_atom_sites.fract_transf_matrix[1][3]   0.00415857 
_atom_sites.fract_transf_matrix[2][1]   0.00457333 
_atom_sites.fract_transf_matrix[2][2]   0.00589177 
_atom_sites.fract_transf_matrix[2][3]   0.02340431 
_atom_sites.fract_transf_matrix[3][1]   0.00411279 
_atom_sites.fract_transf_matrix[3][2]   0.01380933 
_atom_sites.fract_transf_matrix[3][3]   -0.00428000 
_atom_sites.fract_transf_vector[1]      0.574799 
_atom_sites.fract_transf_vector[2]      0.519937 
_atom_sites.fract_transf_vector[3]      0.128066 
# 
loop_
_atom_type.symbol 
C 
N 
O 
P 
# 
loop_
_atom_site.group_PDB 
_atom_site.id 
_atom_site.type_symbol 
_atom_site.label_atom_id 
_atom_site.label_alt_id 
_atom_site.label_comp_id 
_atom_site.label_asym_id 
_atom_site.label_entity_id 
_atom_site.label_seq_id 
_atom_site.pdbx_PDB_ins_code 
_atom_site.Cartn_x 
_atom_site.Cartn_y 
_atom_site.Cartn_z 
_atom_site.occupancy 
_atom_site.B_iso_or_equiv 
_atom_site.pdbx_formal_charge 
_atom_site.auth_seq_id 
_atom_site.auth_comp_id 
_atom_site.auth_asym_id 
_atom_site.auth_atom_id 
_atom_site.pdbx_PDB_model_num 
ATOM   1   O "O5'" . DC  A 1 1  ? 3.216   20.569  6.412   1.00 30.04 ? 1  DC  A "O5'" 1 
ATOM   2   C "C5'" . DC  A 1 1  ? 2.705   19.485  7.302   1.00 33.97 ? 1  DC  A "C5'" 1 
ATOM   3   C "C4'" . DC  A 1 1  ? 1.198   19.320  7.240   1.00 21.30 ? 1  DC  A "C4'" 1 
ATOM   4   O "O4'" . DC  A 1 1  ? 1.061   19.284  5.823   1.00 25.92 ? 1  DC  A "O4'" 1 
ATOM   5   C "C3'" . DC  A 1 1  ? 0.423   18.024  7.406   1.00 27.75 ? 1  DC  A "C3'" 1 
ATOM   6   O "O3'" . DC  A 1 1  ? -0.919  18.082  6.957   1.00 25.13 ? 1  DC  A "O3'" 1 
ATOM   7   C "C2'" . DC  A 1 1  ? 1.178   17.081  6.445   1.00 17.63 ? 1  DC  A "C2'" 1 
ATOM   8   C "C1'" . DC  A 1 1  ? 1.213   17.989  5.226   1.00 19.48 ? 1  DC  A "C1'" 1 
ATOM   9   N N1    . DC  A 1 1  ? 2.332   17.835  4.287   1.00 19.16 ? 1  DC  A N1    1 
ATOM   10  C C2    . DC  A 1 1  ? 2.170   18.215  2.949   1.00 18.31 ? 1  DC  A C2    1 
ATOM   11  O O2    . DC  A 1 1  ? 1.132   18.672  2.421   1.00 18.82 ? 1  DC  A O2    1 
ATOM   12  N N3    . DC  A 1 1  ? 3.208   18.080  2.062   1.00 19.55 ? 1  DC  A N3    1 
ATOM   13  C C4    . DC  A 1 1  ? 4.386   17.552  2.521   1.00 23.19 ? 1  DC  A C4    1 
ATOM   14  N N4    . DC  A 1 1  ? 5.367   17.402  1.598   1.00 26.49 ? 1  DC  A N4    1 
ATOM   15  C C5    . DC  A 1 1  ? 4.536   17.174  3.851   1.00 17.05 ? 1  DC  A C5    1 
ATOM   16  C C6    . DC  A 1 1  ? 3.523   17.345  4.690   1.00 17.89 ? 1  DC  A C6    1 
ATOM   17  P P     . DG  A 1 2  ? -1.892  16.804  7.345   1.00 33.17 ? 2  DG  A P     1 
ATOM   18  O OP1   . DG  A 1 2  ? -2.825  17.734  8.046   1.00 39.35 ? 2  DG  A OP1   1 
ATOM   19  O OP2   . DG  A 1 2  ? -1.178  15.707  7.879   1.00 34.96 ? 2  DG  A OP2   1 
ATOM   20  O "O5'" . DG  A 1 2  ? -2.490  16.457  5.909   1.00 29.59 ? 2  DG  A "O5'" 1 
ATOM   21  C "C5'" . DG  A 1 2  ? -3.336  17.538  5.379   1.00 22.93 ? 2  DG  A "C5'" 1 
ATOM   22  C "C4'" . DG  A 1 2  ? -3.674  17.040  3.985   1.00 17.28 ? 2  DG  A "C4'" 1 
ATOM   23  O "O4'" . DG  A 1 2  ? -2.483  16.977  3.243   1.00 17.66 ? 2  DG  A "O4'" 1 
ATOM   24  C "C3'" . DG  A 1 2  ? -4.299  15.650  3.971   1.00 13.27 ? 2  DG  A "C3'" 1 
ATOM   25  O "O3'" . DG  A 1 2  ? -5.267  15.467  2.962   1.00 17.07 ? 2  DG  A "O3'" 1 
ATOM   26  C "C2'" . DG  A 1 2  ? -3.060  14.784  3.745   1.00 8.90  ? 2  DG  A "C2'" 1 
ATOM   27  C "C1'" . DG  A 1 2  ? -2.385  15.600  2.707   1.00 10.50 ? 2  DG  A "C1'" 1 
ATOM   28  N N9    . DG  A 1 2  ? -0.989  15.216  2.527   1.00 10.30 ? 2  DG  A N9    1 
ATOM   29  C C8    . DG  A 1 2  ? -0.179  14.808  3.531   1.00 9.34  ? 2  DG  A C8    1 
ATOM   30  N N7    . DG  A 1 2  ? 1.049   14.549  3.172   1.00 13.67 ? 2  DG  A N7    1 
ATOM   31  C C5    . DG  A 1 2  ? 1.022   14.807  1.809   1.00 8.85  ? 2  DG  A C5    1 
ATOM   32  C C6    . DG  A 1 2  ? 2.071   14.711  0.872   1.00 12.92 ? 2  DG  A C6    1 
ATOM   33  O O6    . DG  A 1 2  ? 3.292   14.393  1.017   1.00 16.16 ? 2  DG  A O6    1 
ATOM   34  N N1    . DG  A 1 2  ? 1.690   15.053  -0.425  1.00 11.47 ? 2  DG  A N1    1 
ATOM   35  C C2    . DG  A 1 2  ? 0.431   15.391  -0.730  1.00 3.95  ? 2  DG  A C2    1 
ATOM   36  N N2    . DG  A 1 2  ? 0.426   15.650  -2.025  1.00 10.38 ? 2  DG  A N2    1 
ATOM   37  N N3    . DG  A 1 2  ? -0.563  15.540  0.127   1.00 11.89 ? 2  DG  A N3    1 
ATOM   38  C C4    . DG  A 1 2  ? -0.202  15.238  1.393   1.00 9.21  ? 2  DG  A C4    1 
ATOM   39  P P     . DC  A 1 3  ? -6.537  14.446  3.125   1.00 24.94 ? 3  DC  A P     1 
ATOM   40  O OP1   . DC  A 1 3  ? -7.432  15.486  3.679   1.00 24.94 ? 3  DC  A OP1   1 
ATOM   41  O OP2   . DC  A 1 3  ? -6.123  13.221  3.866   1.00 17.42 ? 3  DC  A OP2   1 
ATOM   42  O "O5'" . DC  A 1 3  ? -6.365  13.805  1.664   1.00 22.10 ? 3  DC  A "O5'" 1 
ATOM   43  C "C5'" . DC  A 1 3  ? -5.885  14.560  0.568   1.00 20.56 ? 3  DC  A "C5'" 1 
ATOM   44  C "C4'" . DC  A 1 3  ? -5.581  13.800  -0.685  1.00 16.91 ? 3  DC  A "C4'" 1 
ATOM   45  O "O4'" . DC  A 1 3  ? -4.162  13.789  -0.711  1.00 23.85 ? 3  DC  A "O4'" 1 
ATOM   46  C "C3'" . DC  A 1 3  ? -5.987  12.377  -0.900  1.00 17.51 ? 3  DC  A "C3'" 1 
ATOM   47  O "O3'" . DC  A 1 3  ? -6.410  12.023  -2.211  1.00 10.91 ? 3  DC  A "O3'" 1 
ATOM   48  C "C2'" . DC  A 1 3  ? -4.720  11.589  -0.728  1.00 17.15 ? 3  DC  A "C2'" 1 
ATOM   49  C "C1'" . DC  A 1 3  ? -3.583  12.560  -1.083  1.00 13.54 ? 3  DC  A "C1'" 1 
ATOM   50  N N1    . DC  A 1 3  ? -2.426  12.185  -0.266  1.00 7.90  ? 3  DC  A N1    1 
ATOM   51  C C2    . DC  A 1 3  ? -1.207  12.189  -0.860  1.00 7.04  ? 3  DC  A C2    1 
ATOM   52  O O2    . DC  A 1 3  ? -1.001  12.443  -2.037  1.00 11.23 ? 3  DC  A O2    1 
ATOM   53  N N3    . DC  A 1 3  ? -0.149  11.812  -0.079  1.00 10.66 ? 3  DC  A N3    1 
ATOM   54  C C4    . DC  A 1 3  ? -0.308  11.469  1.209   1.00 10.17 ? 3  DC  A C4    1 
ATOM   55  N N4    . DC  A 1 3  ? 0.779   11.143  1.903   1.00 14.90 ? 3  DC  A N4    1 
ATOM   56  C C5    . DC  A 1 3  ? -1.573  11.452  1.828   1.00 12.40 ? 3  DC  A C5    1 
ATOM   57  C C6    . DC  A 1 3  ? -2.574  11.811  1.045   1.00 10.07 ? 3  DC  A C6    1 
ATOM   58  P P     . DG  A 1 4  ? -7.242  10.624  -2.338  1.00 20.16 ? 4  DG  A P     1 
ATOM   59  O OP1   . DG  A 1 4  ? -8.190  11.226  -3.175  1.00 22.57 ? 4  DG  A OP1   1 
ATOM   60  O OP2   . DG  A 1 4  ? -7.291  10.059  -1.054  1.00 17.58 ? 4  DG  A OP2   1 
ATOM   61  O "O5'" . DG  A 1 4  ? -6.107  10.057  -3.430  1.00 19.66 ? 4  DG  A "O5'" 1 
ATOM   62  C "C5'" . DG  A 1 4  ? -5.929  10.967  -4.526  1.00 15.77 ? 4  DG  A "C5'" 1 
ATOM   63  C "C4'" . DG  A 1 4  ? -4.867  10.363  -5.385  1.00 18.82 ? 4  DG  A "C4'" 1 
ATOM   64  O "O4'" . DG  A 1 4  ? -3.607  10.186  -4.793  1.00 16.89 ? 4  DG  A "O4'" 1 
ATOM   65  C "C3'" . DG  A 1 4  ? -5.258  8.954   -5.774  1.00 22.76 ? 4  DG  A "C3'" 1 
ATOM   66  O "O3'" . DG  A 1 4  ? -4.724  8.588   -7.051  1.00 35.23 ? 4  DG  A "O3'" 1 
ATOM   67  C "C2'" . DG  A 1 4  ? -4.660  8.218   -4.583  1.00 12.01 ? 4  DG  A "C2'" 1 
ATOM   68  C "C1'" . DG  A 1 4  ? -3.284  8.846   -4.527  1.00 13.15 ? 4  DG  A "C1'" 1 
ATOM   69  N N9    . DG  A 1 4  ? -2.730  8.657   -3.203  1.00 10.63 ? 4  DG  A N9    1 
ATOM   70  C C8    . DG  A 1 4  ? -3.398  8.471   -2.017  1.00 11.62 ? 4  DG  A C8    1 
ATOM   71  N N7    . DG  A 1 4  ? -2.664  8.277   -0.958  1.00 14.48 ? 4  DG  A N7    1 
ATOM   72  C C5    . DG  A 1 4  ? -1.398  8.378   -1.539  1.00 10.34 ? 4  DG  A C5    1 
ATOM   73  C C6    . DG  A 1 4  ? -0.140  8.271   -0.885  1.00 21.53 ? 4  DG  A C6    1 
ATOM   74  O O6    . DG  A 1 4  ? -0.019  8.121   0.384   1.00 22.11 ? 4  DG  A O6    1 
ATOM   75  N N1    . DG  A 1 4  ? 0.882   8.406   -1.803  1.00 20.12 ? 4  DG  A N1    1 
ATOM   76  C C2    . DG  A 1 4  ? 0.757   8.675   -3.140  1.00 19.14 ? 4  DG  A C2    1 
ATOM   77  N N2    . DG  A 1 4  ? 1.970   8.708   -3.757  1.00 15.97 ? 4  DG  A N2    1 
ATOM   78  N N3    . DG  A 1 4  ? -0.411  8.817   -3.777  1.00 17.42 ? 4  DG  A N3    1 
ATOM   79  C C4    . DG  A 1 4  ? -1.414  8.641   -2.879  1.00 13.11 ? 4  DG  A C4    1 
ATOM   80  P P     . DA  A 1 5  ? -5.101  6.986   -7.535  1.00 42.54 ? 5  DA  A P     1 
ATOM   81  O OP1   . DA  A 1 5  ? -5.714  7.634   -8.746  1.00 38.12 ? 5  DA  A OP1   1 
ATOM   82  O OP2   . DA  A 1 5  ? -5.895  6.166   -6.550  1.00 30.91 ? 5  DA  A OP2   1 
ATOM   83  O "O5'" . DA  A 1 5  ? -3.655  6.453   -7.885  1.00 31.30 ? 5  DA  A "O5'" 1 
ATOM   84  C "C5'" . DA  A 1 5  ? -2.691  7.410   -8.451  1.00 28.34 ? 5  DA  A "C5'" 1 
ATOM   85  C "C4'" . DA  A 1 5  ? -1.355  6.663   -8.413  1.00 19.94 ? 5  DA  A "C4'" 1 
ATOM   86  O "O4'" . DA  A 1 5  ? -0.767  6.657   -7.142  1.00 16.61 ? 5  DA  A "O4'" 1 
ATOM   87  C "C3'" . DA  A 1 5  ? -1.544  5.168   -8.743  1.00 15.37 ? 5  DA  A "C3'" 1 
ATOM   88  O "O3'" . DA  A 1 5  ? -0.492  4.683   -9.506  1.00 15.22 ? 5  DA  A "O3'" 1 
ATOM   89  C "C2'" . DA  A 1 5  ? -1.852  4.671   -7.323  1.00 15.55 ? 5  DA  A "C2'" 1 
ATOM   90  C "C1'" . DA  A 1 5  ? -0.787  5.392   -6.499  1.00 12.07 ? 5  DA  A "C1'" 1 
ATOM   91  N N9    . DA  A 1 5  ? -1.148  5.354   -5.099  1.00 11.74 ? 5  DA  A N9    1 
ATOM   92  C C8    . DA  A 1 5  ? -2.424  5.390   -4.572  1.00 18.60 ? 5  DA  A C8    1 
ATOM   93  N N7    . DA  A 1 5  ? -2.453  5.305   -3.263  1.00 20.09 ? 5  DA  A N7    1 
ATOM   94  C C5    . DA  A 1 5  ? -1.102  5.209   -2.884  1.00 18.40 ? 5  DA  A C5    1 
ATOM   95  C C6    . DA  A 1 5  ? -0.465  5.100   -1.643  1.00 13.58 ? 5  DA  A C6    1 
ATOM   96  N N6    . DA  A 1 5  ? -0.996  5.095   -0.436  1.00 18.99 ? 5  DA  A N6    1 
ATOM   97  N N1    . DA  A 1 5  ? 0.905   4.996   -1.616  1.00 17.21 ? 5  DA  A N1    1 
ATOM   98  C C2    . DA  A 1 5  ? 1.593   5.032   -2.802  1.00 20.28 ? 5  DA  A C2    1 
ATOM   99  N N3    . DA  A 1 5  ? 1.026   5.164   -4.019  1.00 23.23 ? 5  DA  A N3    1 
ATOM   100 C C4    . DA  A 1 5  ? -0.318  5.240   -4.015  1.00 15.66 ? 5  DA  A C4    1 
ATOM   101 P P     . DA  A 1 6  ? 0.359   3.486   -10.166 1.00 27.89 ? 6  DA  A P     1 
ATOM   102 O OP1   . DA  A 1 6  ? 1.351   4.230   -11.021 1.00 12.53 ? 6  DA  A OP1   1 
ATOM   103 O OP2   . DA  A 1 6  ? -0.656  2.431   -10.411 1.00 24.47 ? 6  DA  A OP2   1 
ATOM   104 O "O5'" . DA  A 1 6  ? 1.566   3.059   -9.149  1.00 21.37 ? 6  DA  A "O5'" 1 
ATOM   105 C "C5'" . DA  A 1 6  ? 2.891   3.669   -8.946  1.00 18.29 ? 6  DA  A "C5'" 1 
ATOM   106 C "C4'" . DA  A 1 6  ? 3.575   2.966   -7.750  1.00 10.60 ? 6  DA  A "C4'" 1 
ATOM   107 O "O4'" . DA  A 1 6  ? 2.618   3.086   -6.741  1.00 11.07 ? 6  DA  A "O4'" 1 
ATOM   108 C "C3'" . DA  A 1 6  ? 3.770   1.477   -7.997  1.00 9.92  ? 6  DA  A "C3'" 1 
ATOM   109 O "O3'" . DA  A 1 6  ? 5.028   0.890   -7.677  1.00 17.23 ? 6  DA  A "O3'" 1 
ATOM   110 C "C2'" . DA  A 1 6  ? 2.601   0.835   -7.244  1.00 12.89 ? 6  DA  A "C2'" 1 
ATOM   111 C "C1'" . DA  A 1 6  ? 2.362   1.813   -6.141  1.00 9.55  ? 6  DA  A "C1'" 1 
ATOM   112 N N9    . DA  A 1 6  ? 1.173   1.732   -5.303  1.00 5.94  ? 6  DA  A N9    1 
ATOM   113 C C8    . DA  A 1 6  ? -0.163  1.697   -5.528  1.00 11.63 ? 6  DA  A C8    1 
ATOM   114 N N7    . DA  A 1 6  ? -0.911  1.678   -4.420  1.00 14.65 ? 6  DA  A N7    1 
ATOM   115 C C5    . DA  A 1 6  ? 0.060   1.624   -3.379  1.00 4.25  ? 6  DA  A C5    1 
ATOM   116 C C6    . DA  A 1 6  ? -0.103  1.558   -2.018  1.00 3.62  ? 6  DA  A C6    1 
ATOM   117 N N6    . DA  A 1 6  ? -1.255  1.555   -1.336  1.00 13.99 ? 6  DA  A N6    1 
ATOM   118 N N1    . DA  A 1 6  ? 1.002   1.519   -1.272  1.00 6.02  ? 6  DA  A N1    1 
ATOM   119 C C2    . DA  A 1 6  ? 2.173   1.573   -1.912  1.00 6.57  ? 6  DA  A C2    1 
ATOM   120 N N3    . DA  A 1 6  ? 2.393   1.638   -3.197  1.00 10.28 ? 6  DA  A N3    1 
ATOM   121 C C4    . DA  A 1 6  ? 1.287   1.706   -3.900  1.00 1.11  ? 6  DA  A C4    1 
ATOM   122 P P     . DT  A 1 7  ? 5.454   -0.598  -8.334  1.00 21.89 ? 7  DT  A P     1 
ATOM   123 O OP1   . DT  A 1 7  ? 6.748   -0.034  -8.584  1.00 19.53 ? 7  DT  A OP1   1 
ATOM   124 O OP2   . DT  A 1 7  ? 4.186   -1.154  -8.775  1.00 14.79 ? 7  DT  A OP2   1 
ATOM   125 O "O5'" . DT  A 1 7  ? 5.690   -1.195  -6.829  1.00 19.45 ? 7  DT  A "O5'" 1 
ATOM   126 C "C5'" . DT  A 1 7  ? 6.062   -0.409  -5.668  1.00 20.24 ? 7  DT  A "C5'" 1 
ATOM   127 C "C4'" . DT  A 1 7  ? 5.825   -1.154  -4.349  1.00 7.24  ? 7  DT  A "C4'" 1 
ATOM   128 O "O4'" . DT  A 1 7  ? 4.560   -0.892  -3.809  1.00 10.76 ? 7  DT  A "O4'" 1 
ATOM   129 C "C3'" . DT  A 1 7  ? 5.874   -2.677  -4.496  1.00 1.14  ? 7  DT  A "C3'" 1 
ATOM   130 O "O3'" . DT  A 1 7  ? 6.772   -3.233  -3.604  1.00 11.14 ? 7  DT  A "O3'" 1 
ATOM   131 C "C2'" . DT  A 1 7  ? 4.467   -3.068  -4.191  1.00 3.52  ? 7  DT  A "C2'" 1 
ATOM   132 C "C1'" . DT  A 1 7  ? 4.002   -2.063  -3.169  1.00 5.10  ? 7  DT  A "C1'" 1 
ATOM   133 N N1    . DT  A 1 7  ? 2.554   -2.019  -3.133  1.00 9.49  ? 7  DT  A N1    1 
ATOM   134 C C2    . DT  A 1 7  ? 1.917   -1.894  -1.895  1.00 14.15 ? 7  DT  A C2    1 
ATOM   135 O O2    . DT  A 1 7  ? 2.473   -1.895  -0.781  1.00 16.59 ? 7  DT  A O2    1 
ATOM   136 N N3    . DT  A 1 7  ? 0.563   -1.853  -1.871  1.00 12.49 ? 7  DT  A N3    1 
ATOM   137 C C4    . DT  A 1 7  ? -0.175  -1.911  -3.046  1.00 12.98 ? 7  DT  A C4    1 
ATOM   138 O O4    . DT  A 1 7  ? -1.461  -1.833  -3.006  1.00 15.55 ? 7  DT  A O4    1 
ATOM   139 C C5    . DT  A 1 7  ? 0.497   -1.976  -4.271  1.00 6.11  ? 7  DT  A C5    1 
ATOM   140 C C7    . DT  A 1 7  ? -0.319  -2.004  -5.519  1.00 13.40 ? 7  DT  A C7    1 
ATOM   141 C C6    . DT  A 1 7  ? 1.819   -2.049  -4.285  1.00 9.36  ? 7  DT  A C6    1 
ATOM   142 P P     . DT  A 1 8  ? 7.510   -4.679  -3.568  1.00 15.93 ? 8  DT  A P     1 
ATOM   143 O OP1   . DT  A 1 8  ? 8.789   -4.352  -3.362  1.00 10.89 ? 8  DT  A OP1   1 
ATOM   144 O OP2   . DT  A 1 8  ? 6.702   -5.473  -4.497  1.00 20.86 ? 8  DT  A OP2   1 
ATOM   145 O "O5'" . DT  A 1 8  ? 6.850   -5.155  -2.093  1.00 18.15 ? 8  DT  A "O5'" 1 
ATOM   146 C "C5'" . DT  A 1 8  ? 7.221   -4.360  -0.969  1.00 6.83  ? 8  DT  A "C5'" 1 
ATOM   147 C "C4'" . DT  A 1 8  ? 6.343   -4.924  0.131   1.00 4.97  ? 8  DT  A "C4'" 1 
ATOM   148 O "O4'" . DT  A 1 8  ? 5.012   -4.586  0.011   1.00 8.99  ? 8  DT  A "O4'" 1 
ATOM   149 C "C3'" . DT  A 1 8  ? 6.347   -6.446  0.082   1.00 10.97 ? 8  DT  A "C3'" 1 
ATOM   150 O "O3'" . DT  A 1 8  ? 6.656   -6.935  1.324   1.00 18.11 ? 8  DT  A "O3'" 1 
ATOM   151 C "C2'" . DT  A 1 8  ? 4.965   -6.764  -0.402  1.00 8.48  ? 8  DT  A "C2'" 1 
ATOM   152 C "C1'" . DT  A 1 8  ? 4.136   -5.662  0.278   1.00 8.39  ? 8  DT  A "C1'" 1 
ATOM   153 N N1    . DT  A 1 8  ? 2.853   -5.548  -0.423  1.00 14.08 ? 8  DT  A N1    1 
ATOM   154 C C2    . DT  A 1 8  ? 1.666   -5.364  0.267   1.00 14.53 ? 8  DT  A C2    1 
ATOM   155 O O2    . DT  A 1 8  ? 1.729   -5.237  1.484   1.00 20.88 ? 8  DT  A O2    1 
ATOM   156 N N3    . DT  A 1 8  ? 0.503   -5.277  -0.429  1.00 8.45  ? 8  DT  A N3    1 
ATOM   157 C C4    . DT  A 1 8  ? 0.435   -5.368  -1.748  1.00 7.28  ? 8  DT  A C4    1 
ATOM   158 O O4    . DT  A 1 8  ? -0.669  -5.244  -2.289  1.00 11.39 ? 8  DT  A O4    1 
ATOM   159 C C5    . DT  A 1 8  ? 1.626   -5.599  -2.469  1.00 5.68  ? 8  DT  A C5    1 
ATOM   160 C C7    . DT  A 1 8  ? 1.784   -5.758  -3.976  1.00 9.02  ? 8  DT  A C7    1 
ATOM   161 C C6    . DT  A 1 8  ? 2.752   -5.650  -1.787  1.00 6.87  ? 8  DT  A C6    1 
ATOM   162 P P     . DC  A 1 9  ? 7.247   -8.155  2.186   1.00 23.38 ? 9  DC  A P     1 
ATOM   163 O OP1   . DC  A 1 9  ? 8.274   -7.422  2.848   1.00 17.59 ? 9  DC  A OP1   1 
ATOM   164 O OP2   . DC  A 1 9  ? 7.129   -9.317  1.242   1.00 23.65 ? 9  DC  A OP2   1 
ATOM   165 O "O5'" . DC  A 1 9  ? 5.931   -8.394  3.119   1.00 18.24 ? 9  DC  A "O5'" 1 
ATOM   166 C "C5'" . DC  A 1 9  ? 5.536   -7.226  3.867   1.00 18.86 ? 9  DC  A "C5'" 1 
ATOM   167 C "C4'" . DC  A 1 9  ? 4.342   -7.753  4.665   1.00 19.74 ? 9  DC  A "C4'" 1 
ATOM   168 O "O4'" . DC  A 1 9  ? 3.228   -7.641  3.837   1.00 24.65 ? 9  DC  A "O4'" 1 
ATOM   169 C "C3'" . DC  A 1 9  ? 4.343   -9.208  5.039   1.00 16.77 ? 9  DC  A "C3'" 1 
ATOM   170 O "O3'" . DC  A 1 9  ? 4.287   -9.396  6.457   1.00 27.96 ? 9  DC  A "O3'" 1 
ATOM   171 C "C2'" . DC  A 1 9  ? 3.111   -9.702  4.366   1.00 17.81 ? 9  DC  A "C2'" 1 
ATOM   172 C "C1'" . DC  A 1 9  ? 2.162   -8.569  4.117   1.00 11.95 ? 9  DC  A "C1'" 1 
ATOM   173 N N1    . DC  A 1 9  ? 1.627   -8.661  2.723   1.00 11.81 ? 9  DC  A N1    1 
ATOM   174 C C2    . DC  A 1 9  ? 0.325   -8.428  2.458   1.00 12.87 ? 9  DC  A C2    1 
ATOM   175 O O2    . DC  A 1 9  ? -0.398  -8.139  3.394   1.00 23.71 ? 9  DC  A O2    1 
ATOM   176 N N3    . DC  A 1 9  ? -0.128  -8.548  1.214   1.00 12.44 ? 9  DC  A N3    1 
ATOM   177 C C4    . DC  A 1 9  ? 0.683   -8.864  0.200   1.00 14.32 ? 9  DC  A C4    1 
ATOM   178 N N4    . DC  A 1 9  ? 0.241   -8.908  -1.087  1.00 19.80 ? 9  DC  A N4    1 
ATOM   179 C C5    . DC  A 1 9  ? 2.021   -9.073  0.464   1.00 9.36  ? 9  DC  A C5    1 
ATOM   180 C C6    . DC  A 1 9  ? 2.456   -8.953  1.687   1.00 13.05 ? 9  DC  A C6    1 
ATOM   181 P P     . DG  A 1 10 ? 4.739   -10.753 7.141   1.00 32.98 ? 10 DG  A P     1 
ATOM   182 O OP1   . DG  A 1 10 ? 5.772   -10.260 8.089   1.00 35.13 ? 10 DG  A OP1   1 
ATOM   183 O OP2   . DG  A 1 10 ? 5.326   -11.722 6.142   1.00 34.04 ? 10 DG  A OP2   1 
ATOM   184 O "O5'" . DG  A 1 10 ? 3.449   -11.278 7.944   1.00 32.70 ? 10 DG  A "O5'" 1 
ATOM   185 C "C5'" . DG  A 1 10 ? 2.197   -10.652 7.549   1.00 32.80 ? 10 DG  A "C5'" 1 
ATOM   186 C "C4'" . DG  A 1 10 ? 0.888   -11.351 7.776   1.00 25.26 ? 10 DG  A "C4'" 1 
ATOM   187 O "O4'" . DG  A 1 10 ? 0.089   -11.244 6.580   1.00 24.83 ? 10 DG  A "O4'" 1 
ATOM   188 C "C3'" . DG  A 1 10 ? 0.817   -12.844 8.028   1.00 18.65 ? 10 DG  A "C3'" 1 
ATOM   189 O "O3'" . DG  A 1 10 ? -0.508  -13.266 8.312   1.00 28.47 ? 10 DG  A "O3'" 1 
ATOM   190 C "C2'" . DG  A 1 10 ? 1.200   -13.287 6.616   1.00 15.62 ? 10 DG  A "C2'" 1 
ATOM   191 C "C1'" . DG  A 1 10 ? 0.155   -12.469 5.867   1.00 17.15 ? 10 DG  A "C1'" 1 
ATOM   192 N N9    . DG  A 1 10 ? 0.412   -12.465 4.423   1.00 15.65 ? 10 DG  A N9    1 
ATOM   193 C C8    . DG  A 1 10 ? 1.509   -12.830 3.690   1.00 15.56 ? 10 DG  A C8    1 
ATOM   194 N N7    . DG  A 1 10 ? 1.369   -12.757 2.366   1.00 18.94 ? 10 DG  A N7    1 
ATOM   195 C C5    . DG  A 1 10 ? 0.045   -12.328 2.247   1.00 15.31 ? 10 DG  A C5    1 
ATOM   196 C C6    . DG  A 1 10 ? -0.730  -12.018 1.120   1.00 16.99 ? 10 DG  A C6    1 
ATOM   197 O O6    . DG  A 1 10 ? -0.348  -12.056 -0.056  1.00 18.95 ? 10 DG  A O6    1 
ATOM   198 N N1    . DG  A 1 10 ? -2.013  -11.642 1.383   1.00 10.64 ? 10 DG  A N1    1 
ATOM   199 C C2    . DG  A 1 10 ? -2.474  -11.483 2.621   1.00 12.55 ? 10 DG  A C2    1 
ATOM   200 N N2    . DG  A 1 10 ? -3.718  -11.046 2.694   1.00 14.15 ? 10 DG  A N2    1 
ATOM   201 N N3    . DG  A 1 10 ? -1.818  -11.736 3.722   1.00 16.10 ? 10 DG  A N3    1 
ATOM   202 C C4    . DG  A 1 10 ? -0.556  -12.159 3.475   1.00 15.00 ? 10 DG  A C4    1 
ATOM   203 P P     . DC  A 1 11 ? -0.970  -13.874 9.765   1.00 43.08 ? 11 DC  A P     1 
ATOM   204 O OP1   . DC  A 1 11 ? -0.142  -12.969 10.627  1.00 43.33 ? 11 DC  A OP1   1 
ATOM   205 O OP2   . DC  A 1 11 ? -0.832  -15.418 9.751   1.00 37.99 ? 11 DC  A OP2   1 
ATOM   206 O "O5'" . DC  A 1 11 ? -2.370  -13.305 10.326  1.00 27.17 ? 11 DC  A "O5'" 1 
ATOM   207 C "C5'" . DC  A 1 11 ? -2.825  -12.211 9.516   1.00 36.52 ? 11 DC  A "C5'" 1 
ATOM   208 C "C4'" . DC  A 1 11 ? -4.095  -12.446 8.751   1.00 34.04 ? 11 DC  A "C4'" 1 
ATOM   209 O "O4'" . DC  A 1 11 ? -3.840  -12.756 7.391   1.00 31.85 ? 11 DC  A "O4'" 1 
ATOM   210 C "C3'" . DC  A 1 11 ? -5.075  -13.530 9.195   1.00 34.54 ? 11 DC  A "C3'" 1 
ATOM   211 O "O3'" . DC  A 1 11 ? -6.439  -13.121 9.063   1.00 32.33 ? 11 DC  A "O3'" 1 
ATOM   212 C "C2'" . DC  A 1 11 ? -4.672  -14.671 8.262   1.00 32.51 ? 11 DC  A "C2'" 1 
ATOM   213 C "C1'" . DC  A 1 11 ? -4.649  -13.877 6.968   1.00 23.63 ? 11 DC  A "C1'" 1 
ATOM   214 N N1    . DC  A 1 11 ? -3.792  -14.451 5.941   1.00 15.88 ? 11 DC  A N1    1 
ATOM   215 C C2    . DC  A 1 11 ? -4.156  -14.397 4.640   1.00 20.91 ? 11 DC  A C2    1 
ATOM   216 O O2    . DC  A 1 11 ? -5.254  -13.913 4.378   1.00 29.00 ? 11 DC  A O2    1 
ATOM   217 N N3    . DC  A 1 11 ? -3.304  -14.860 3.710   1.00 19.45 ? 11 DC  A N3    1 
ATOM   218 C C4    . DC  A 1 11 ? -2.126  -15.409 4.028   1.00 19.18 ? 11 DC  A C4    1 
ATOM   219 N N4    . DC  A 1 11 ? -1.217  -15.879 3.174   1.00 23.63 ? 11 DC  A N4    1 
ATOM   220 C C5    . DC  A 1 11 ? -1.781  -15.474 5.366   1.00 19.06 ? 11 DC  A C5    1 
ATOM   221 C C6    . DC  A 1 11 ? -2.598  -14.960 6.285   1.00 21.03 ? 11 DC  A C6    1 
ATOM   222 P P     . DG  A 1 12 ? -7.633  -13.927 9.824   1.00 42.99 ? 12 DG  A P     1 
ATOM   223 O OP1   . DG  A 1 12 ? -8.511  -12.727 10.190  1.00 36.54 ? 12 DG  A OP1   1 
ATOM   224 O OP2   . DG  A 1 12 ? -7.137  -15.138 10.601  1.00 32.50 ? 12 DG  A OP2   1 
ATOM   225 O "O5'" . DG  A 1 12 ? -8.384  -14.594 8.541   1.00 44.10 ? 12 DG  A "O5'" 1 
ATOM   226 C "C5'" . DG  A 1 12 ? -9.374  -14.067 7.610   1.00 37.01 ? 12 DG  A "C5'" 1 
ATOM   227 C "C4'" . DG  A 1 12 ? -9.842  -15.361 6.929   1.00 28.61 ? 12 DG  A "C4'" 1 
ATOM   228 O "O4'" . DG  A 1 12 ? -8.746  -15.594 6.064   1.00 28.47 ? 12 DG  A "O4'" 1 
ATOM   229 C "C3'" . DG  A 1 12 ? -9.963  -16.563 7.819   1.00 23.69 ? 12 DG  A "C3'" 1 
ATOM   230 O "O3'" . DG  A 1 12 ? -11.292 -16.894 8.184   1.00 33.23 ? 12 DG  A "O3'" 1 
ATOM   231 C "C2'" . DG  A 1 12 ? -9.340  -17.700 7.040   1.00 24.68 ? 12 DG  A "C2'" 1 
ATOM   232 C "C1'" . DG  A 1 12 ? -8.666  -17.001 5.899   1.00 23.94 ? 12 DG  A "C1'" 1 
ATOM   233 N N9    . DG  A 1 12 ? -7.243  -17.357 5.818   1.00 21.32 ? 12 DG  A N9    1 
ATOM   234 C C8    . DG  A 1 12 ? -6.391  -17.650 6.835   1.00 21.72 ? 12 DG  A C8    1 
ATOM   235 N N7    . DG  A 1 12 ? -5.231  -17.980 6.393   1.00 27.20 ? 12 DG  A N7    1 
ATOM   236 C C5    . DG  A 1 12 ? -5.315  -17.932 4.996   1.00 21.89 ? 12 DG  A C5    1 
ATOM   237 C C6    . DG  A 1 12 ? -4.384  -18.207 3.973   1.00 24.43 ? 12 DG  A C6    1 
ATOM   238 O O6    . DG  A 1 12 ? -3.212  -18.568 4.074   1.00 30.75 ? 12 DG  A O6    1 
ATOM   239 N N1    . DG  A 1 12 ? -4.849  -18.084 2.687   1.00 25.16 ? 12 DG  A N1    1 
ATOM   240 C C2    . DG  A 1 12 ? -6.119  -17.675 2.460   1.00 19.61 ? 12 DG  A C2    1 
ATOM   241 N N2    . DG  A 1 12 ? -6.408  -17.575 1.193   1.00 23.00 ? 12 DG  A N2    1 
ATOM   242 N N3    . DG  A 1 12 ? -7.013  -17.398 3.381   1.00 22.83 ? 12 DG  A N3    1 
ATOM   243 C C4    . DG  A 1 12 ? -6.557  -17.535 4.639   1.00 21.55 ? 12 DG  A C4    1 
ATOM   244 O "O5'" . DC  B 1 1  ? -1.533  -21.283 -4.590  1.00 38.47 ? 13 DC  B "O5'" 1 
ATOM   245 C "C5'" . DC  B 1 1  ? -2.920  -21.665 -4.561  1.00 32.27 ? 13 DC  B "C5'" 1 
ATOM   246 C "C4'" . DC  B 1 1  ? -3.618  -20.295 -4.572  1.00 24.33 ? 13 DC  B "C4'" 1 
ATOM   247 O "O4'" . DC  B 1 1  ? -3.727  -19.987 -3.219  1.00 29.15 ? 13 DC  B "O4'" 1 
ATOM   248 C "C3'" . DC  B 1 1  ? -2.889  -19.147 -5.192  1.00 21.67 ? 13 DC  B "C3'" 1 
ATOM   249 O "O3'" . DC  B 1 1  ? -3.610  -18.082 -5.721  1.00 25.92 ? 13 DC  B "O3'" 1 
ATOM   250 C "C2'" . DC  B 1 1  ? -2.108  -18.638 -3.969  1.00 25.27 ? 13 DC  B "C2'" 1 
ATOM   251 C "C1'" . DC  B 1 1  ? -3.162  -18.687 -2.918  1.00 27.46 ? 13 DC  B "C1'" 1 
ATOM   252 N N1    . DC  B 1 1  ? -2.744  -18.919 -1.539  1.00 29.81 ? 13 DC  B N1    1 
ATOM   253 C C2    . DC  B 1 1  ? -3.694  -18.712 -0.542  1.00 28.88 ? 13 DC  B C2    1 
ATOM   254 O O2    . DC  B 1 1  ? -4.778  -18.277 -0.906  1.00 28.79 ? 13 DC  B O2    1 
ATOM   255 N N3    . DC  B 1 1  ? -3.302  -18.993 0.725   1.00 28.91 ? 13 DC  B N3    1 
ATOM   256 C C4    . DC  B 1 1  ? -2.055  -19.479 1.031   1.00 27.23 ? 13 DC  B C4    1 
ATOM   257 N N4    . DC  B 1 1  ? -1.647  -19.799 2.241   1.00 30.26 ? 13 DC  B N4    1 
ATOM   258 C C5    . DC  B 1 1  ? -1.109  -19.717 0.030   1.00 28.16 ? 13 DC  B C5    1 
ATOM   259 C C6    . DC  B 1 1  ? -1.519  -19.437 -1.234  1.00 33.39 ? 13 DC  B C6    1 
ATOM   260 P P     . DG  B 1 2  ? -3.816  -17.299 -7.130  1.00 34.60 ? 14 DG  B P     1 
ATOM   261 O OP1   . DG  B 1 2  ? -4.693  -18.398 -7.801  1.00 32.08 ? 14 DG  B OP1   1 
ATOM   262 O OP2   . DG  B 1 2  ? -2.737  -16.428 -7.325  1.00 25.05 ? 14 DG  B OP2   1 
ATOM   263 O "O5'" . DG  B 1 2  ? -5.163  -16.324 -6.915  1.00 26.57 ? 14 DG  B "O5'" 1 
ATOM   264 C "C5'" . DG  B 1 2  ? -6.043  -16.929 -5.972  1.00 14.87 ? 14 DG  B "C5'" 1 
ATOM   265 C "C4'" . DG  B 1 2  ? -6.830  -15.923 -5.191  1.00 10.93 ? 14 DG  B "C4'" 1 
ATOM   266 O "O4'" . DG  B 1 2  ? -6.522  -16.081 -3.835  1.00 19.61 ? 14 DG  B "O4'" 1 
ATOM   267 C "C3'" . DG  B 1 2  ? -6.750  -14.468 -5.606  1.00 17.73 ? 14 DG  B "C3'" 1 
ATOM   268 O "O3'" . DG  B 1 2  ? -8.045  -13.937 -5.769  1.00 15.42 ? 14 DG  B "O3'" 1 
ATOM   269 C "C2'" . DG  B 1 2  ? -5.905  -13.837 -4.533  1.00 20.94 ? 14 DG  B "C2'" 1 
ATOM   270 C "C1'" . DG  B 1 2  ? -6.206  -14.774 -3.384  1.00 19.40 ? 14 DG  B "C1'" 1 
ATOM   271 N N9    . DG  B 1 2  ? -4.919  -14.935 -2.690  1.00 17.86 ? 14 DG  B N9    1 
ATOM   272 C C8    . DG  B 1 2  ? -3.703  -15.126 -3.187  1.00 12.51 ? 14 DG  B C8    1 
ATOM   273 N N7    . DG  B 1 2  ? -2.820  -15.246 -2.260  1.00 21.33 ? 14 DG  B N7    1 
ATOM   274 C C5    . DG  B 1 2  ? -3.495  -15.047 -1.051  1.00 13.23 ? 14 DG  B C5    1 
ATOM   275 C C6    . DG  B 1 2  ? -3.069  -15.033 0.268   1.00 10.25 ? 14 DG  B C6    1 
ATOM   276 O O6    . DG  B 1 2  ? -1.918  -15.192 0.651   1.00 16.11 ? 14 DG  B O6    1 
ATOM   277 N N1    . DG  B 1 2  ? -4.059  -14.768 1.130   1.00 16.30 ? 14 DG  B N1    1 
ATOM   278 C C2    . DG  B 1 2  ? -5.339  -14.583 0.825   1.00 13.43 ? 14 DG  B C2    1 
ATOM   279 N N2    . DG  B 1 2  ? -6.215  -14.346 1.799   1.00 18.17 ? 14 DG  B N2    1 
ATOM   280 N N3    . DG  B 1 2  ? -5.802  -14.643 -0.399  1.00 22.27 ? 14 DG  B N3    1 
ATOM   281 C C4    . DG  B 1 2  ? -4.809  -14.865 -1.305  1.00 20.66 ? 14 DG  B C4    1 
ATOM   282 P P     . DC  B 1 3  ? -8.327  -12.432 -6.277  1.00 15.56 ? 15 DC  B P     1 
ATOM   283 O OP1   . DC  B 1 3  ? -9.741  -12.694 -6.563  1.00 24.19 ? 15 DC  B OP1   1 
ATOM   284 O OP2   . DC  B 1 3  ? -7.275  -11.698 -6.842  1.00 18.01 ? 15 DC  B OP2   1 
ATOM   285 O "O5'" . DC  B 1 3  ? -8.511  -11.823 -4.814  1.00 18.05 ? 15 DC  B "O5'" 1 
ATOM   286 C "C5'" . DC  B 1 3  ? -9.619  -12.127 -3.961  1.00 14.04 ? 15 DC  B "C5'" 1 
ATOM   287 C "C4'" . DC  B 1 3  ? -9.269  -11.510 -2.617  1.00 8.50  ? 15 DC  B "C4'" 1 
ATOM   288 O "O4'" . DC  B 1 3  ? -7.955  -11.901 -2.266  1.00 13.72 ? 15 DC  B "O4'" 1 
ATOM   289 C "C3'" . DC  B 1 3  ? -9.190  -10.029 -2.761  1.00 6.73  ? 15 DC  B "C3'" 1 
ATOM   290 O "O3'" . DC  B 1 3  ? -10.150 -9.235  -2.106  1.00 20.49 ? 15 DC  B "O3'" 1 
ATOM   291 C "C2'" . DC  B 1 3  ? -7.851  -9.720  -2.113  1.00 14.14 ? 15 DC  B "C2'" 1 
ATOM   292 C "C1'" . DC  B 1 3  ? -7.378  -10.901 -1.383  1.00 9.75  ? 15 DC  B "C1'" 1 
ATOM   293 N N1    . DC  B 1 3  ? -5.953  -11.066 -1.620  1.00 6.91  ? 15 DC  B N1    1 
ATOM   294 C C2    . DC  B 1 3  ? -5.120  -11.176 -0.589  1.00 11.49 ? 15 DC  B C2    1 
ATOM   295 O O2    . DC  B 1 3  ? -5.552  -11.119 0.558   1.00 20.58 ? 15 DC  B O2    1 
ATOM   296 N N3    . DC  B 1 3  ? -3.790  -11.359 -0.815  1.00 14.49 ? 15 DC  B N3    1 
ATOM   297 C C4    . DC  B 1 3  ? -3.326  -11.425 -2.098  1.00 15.34 ? 15 DC  B C4    1 
ATOM   298 N N4    . DC  B 1 3  ? -2.011  -11.652 -2.269  1.00 15.47 ? 15 DC  B N4    1 
ATOM   299 C C5    . DC  B 1 3  ? -4.194  -11.304 -3.199  1.00 11.66 ? 15 DC  B C5    1 
ATOM   300 C C6    . DC  B 1 3  ? -5.484  -11.148 -2.883  1.00 13.12 ? 15 DC  B C6    1 
ATOM   301 P P     . DG  B 1 4  ? -10.545 -7.724  -2.491  1.00 23.39 ? 16 DG  B P     1 
ATOM   302 O OP1   . DG  B 1 4  ? -11.960 -7.991  -2.959  1.00 20.31 ? 16 DG  B OP1   1 
ATOM   303 O OP2   . DG  B 1 4  ? -9.610  -6.946  -3.289  1.00 17.52 ? 16 DG  B OP2   1 
ATOM   304 O "O5'" . DG  B 1 4  ? -10.644 -7.025  -1.033  1.00 27.91 ? 16 DG  B "O5'" 1 
ATOM   305 C "C5'" . DG  B 1 4  ? -10.693 -7.761  0.192   1.00 26.56 ? 16 DG  B "C5'" 1 
ATOM   306 C "C4'" . DG  B 1 4  ? -9.861  -7.195  1.318   1.00 15.25 ? 16 DG  B "C4'" 1 
ATOM   307 O "O4'" . DG  B 1 4  ? -8.611  -7.788  1.287   1.00 14.44 ? 16 DG  B "O4'" 1 
ATOM   308 C "C3'" . DG  B 1 4  ? -9.629  -5.699  1.371   1.00 23.77 ? 16 DG  B "C3'" 1 
ATOM   309 O "O3'" . DG  B 1 4  ? -9.928  -5.157  2.643   1.00 24.22 ? 16 DG  B "O3'" 1 
ATOM   310 C "C2'" . DG  B 1 4  ? -8.162  -5.499  0.995   1.00 19.32 ? 16 DG  B "C2'" 1 
ATOM   311 C "C1'" . DG  B 1 4  ? -7.549  -6.854  1.348   1.00 12.39 ? 16 DG  B "C1'" 1 
ATOM   312 N N9    . DG  B 1 4  ? -6.519  -7.079  0.324   1.00 5.75  ? 16 DG  B N9    1 
ATOM   313 C C8    . DG  B 1 4  ? -6.502  -6.866  -1.024  1.00 10.00 ? 16 DG  B C8    1 
ATOM   314 N N7    . DG  B 1 4  ? -5.357  -7.173  -1.618  1.00 6.78  ? 16 DG  B N7    1 
ATOM   315 C C5    . DG  B 1 4  ? -4.549  -7.528  -0.516  1.00 1.48  ? 16 DG  B C5    1 
ATOM   316 C C6    . DG  B 1 4  ? -3.217  -7.944  -0.411  1.00 12.13 ? 16 DG  B C6    1 
ATOM   317 O O6    . DG  B 1 4  ? -2.350  -8.078  -1.320  1.00 18.29 ? 16 DG  B O6    1 
ATOM   318 N N1    . DG  B 1 4  ? -2.783  -8.227  0.870   1.00 14.20 ? 16 DG  B N1    1 
ATOM   319 C C2    . DG  B 1 4  ? -3.572  -8.116  1.941   1.00 12.66 ? 16 DG  B C2    1 
ATOM   320 N N2    . DG  B 1 4  ? -2.987  -8.446  3.093   1.00 17.61 ? 16 DG  B N2    1 
ATOM   321 N N3    . DG  B 1 4  ? -4.830  -7.708  1.929   1.00 13.81 ? 16 DG  B N3    1 
ATOM   322 C C4    . DG  B 1 4  ? -5.242  -7.441  0.665   1.00 9.88  ? 16 DG  B C4    1 
ATOM   323 P P     . DA  B 1 5  ? -10.122 -3.952  3.590   1.00 28.46 ? 17 DA  B P     1 
ATOM   324 O OP1   . DA  B 1 5  ? -11.381 -4.134  4.408   1.00 34.02 ? 17 DA  B OP1   1 
ATOM   325 O OP2   . DA  B 1 5  ? -10.262 -2.770  2.688   1.00 32.66 ? 17 DA  B OP2   1 
ATOM   326 O "O5'" . DA  B 1 5  ? -8.802  -4.147  4.510   1.00 28.99 ? 17 DA  B "O5'" 1 
ATOM   327 C "C5'" . DA  B 1 5  ? -8.384  -5.382  5.179   1.00 22.06 ? 17 DA  B "C5'" 1 
ATOM   328 C "C4'" . DA  B 1 5  ? -7.071  -5.308  5.861   1.00 16.66 ? 17 DA  B "C4'" 1 
ATOM   329 O "O4'" . DA  B 1 5  ? -5.932  -5.615  5.075   1.00 22.79 ? 17 DA  B "O4'" 1 
ATOM   330 C "C3'" . DA  B 1 5  ? -6.815  -3.842  6.258   1.00 26.15 ? 17 DA  B "C3'" 1 
ATOM   331 O "O3'" . DA  B 1 5  ? -5.925  -3.683  7.344   1.00 32.06 ? 17 DA  B "O3'" 1 
ATOM   332 C "C2'" . DA  B 1 5  ? -6.297  -3.329  4.904   1.00 24.87 ? 17 DA  B "C2'" 1 
ATOM   333 C "C1'" . DA  B 1 5  ? -5.237  -4.430  4.590   1.00 18.38 ? 17 DA  B "C1'" 1 
ATOM   334 N N9    . DA  B 1 5  ? -4.804  -4.252  3.200   1.00 14.10 ? 17 DA  B N9    1 
ATOM   335 C C8    . DA  B 1 5  ? -5.511  -3.654  2.162   1.00 14.47 ? 17 DA  B C8    1 
ATOM   336 N N7    . DA  B 1 5  ? -4.952  -3.609  0.995   1.00 14.66 ? 17 DA  B N7    1 
ATOM   337 C C5    . DA  B 1 5  ? -3.707  -4.207  1.312   1.00 9.36  ? 17 DA  B C5    1 
ATOM   338 C C6    . DA  B 1 5  ? -2.594  -4.473  0.474   1.00 14.90 ? 17 DA  B C6    1 
ATOM   339 N N6    . DA  B 1 5  ? -2.666  -4.191  -0.809  1.00 13.06 ? 17 DA  B N6    1 
ATOM   340 N N1    . DA  B 1 5  ? -1.554  -5.044  1.102   1.00 13.90 ? 17 DA  B N1    1 
ATOM   341 C C2    . DA  B 1 5  ? -1.491  -5.402  2.415   1.00 12.94 ? 17 DA  B C2    1 
ATOM   342 N N3    . DA  B 1 5  ? -2.550  -5.191  3.222   1.00 16.27 ? 17 DA  B N3    1 
ATOM   343 C C4    . DA  B 1 5  ? -3.614  -4.602  2.628   1.00 12.04 ? 17 DA  B C4    1 
ATOM   344 P P     . DA  B 1 6  ? -5.578  -2.346  8.229   1.00 35.05 ? 18 DA  B P     1 
ATOM   345 O OP1   . DA  B 1 6  ? -6.624  -2.661  9.222   1.00 35.45 ? 18 DA  B OP1   1 
ATOM   346 O OP2   . DA  B 1 6  ? -5.869  -1.007  7.483   1.00 34.28 ? 18 DA  B OP2   1 
ATOM   347 O "O5'" . DA  B 1 6  ? -4.132  -2.866  8.620   1.00 26.18 ? 18 DA  B "O5'" 1 
ATOM   348 C "C5'" . DA  B 1 6  ? -3.213  -3.632  7.826   1.00 29.06 ? 18 DA  B "C5'" 1 
ATOM   349 C "C4'" . DA  B 1 6  ? -1.794  -3.232  7.581   1.00 23.70 ? 18 DA  B "C4'" 1 
ATOM   350 O "O4'" . DA  B 1 6  ? -1.405  -3.205  6.220   1.00 21.01 ? 18 DA  B "O4'" 1 
ATOM   351 C "C3'" . DA  B 1 6  ? -1.330  -1.830  7.995   1.00 28.00 ? 18 DA  B "C3'" 1 
ATOM   352 O "O3'" . DA  B 1 6  ? 0.071   -1.762  8.162   1.00 28.85 ? 18 DA  B "O3'" 1 
ATOM   353 C "C2'" . DA  B 1 6  ? -1.831  -1.054  6.749   1.00 27.01 ? 18 DA  B "C2'" 1 
ATOM   354 C "C1'" . DA  B 1 6  ? -1.268  -1.927  5.619   1.00 16.90 ? 18 DA  B "C1'" 1 
ATOM   355 N N9    . DA  B 1 6  ? -1.911  -1.554  4.357   1.00 9.93  ? 18 DA  B N9    1 
ATOM   356 C C8    . DA  B 1 6  ? -3.114  -0.960  4.087   1.00 11.44 ? 18 DA  B C8    1 
ATOM   357 N N7    . DA  B 1 6  ? -3.381  -0.713  2.830   1.00 13.86 ? 18 DA  B N7    1 
ATOM   358 C C5    . DA  B 1 6  ? -2.213  -1.179  2.193   1.00 10.56 ? 18 DA  B C5    1 
ATOM   359 C C6    . DA  B 1 6  ? -1.839  -1.217  0.864   1.00 10.31 ? 18 DA  B C6    1 
ATOM   360 N N6    . DA  B 1 6  ? -2.570  -0.844  -0.176  1.00 13.24 ? 18 DA  B N6    1 
ATOM   361 N N1    . DA  B 1 6  ? -0.628  -1.733  0.596   1.00 6.22  ? 18 DA  B N1    1 
ATOM   362 C C2    . DA  B 1 6  ? 0.198   -2.227  1.525   1.00 11.32 ? 18 DA  B C2    1 
ATOM   363 N N3    . DA  B 1 6  ? -0.126  -2.207  2.821   1.00 12.52 ? 18 DA  B N3    1 
ATOM   364 C C4    . DA  B 1 6  ? -1.315  -1.678  3.104   1.00 8.78  ? 18 DA  B C4    1 
ATOM   365 P P     . DT  B 1 7  ? 0.796   -0.881  9.340   1.00 33.84 ? 19 DT  B P     1 
ATOM   366 O OP1   . DT  B 1 7  ? 1.560   -1.986  9.944   1.00 27.17 ? 19 DT  B OP1   1 
ATOM   367 O OP2   . DT  B 1 7  ? -0.243  0.014   9.921   1.00 31.31 ? 19 DT  B OP2   1 
ATOM   368 O "O5'" . DT  B 1 7  ? 1.830   -0.081  8.382   1.00 26.07 ? 19 DT  B "O5'" 1 
ATOM   369 C "C5'" . DT  B 1 7  ? 2.875   -0.951  7.863   1.00 17.52 ? 19 DT  B "C5'" 1 
ATOM   370 C "C4'" . DT  B 1 7  ? 3.276   -0.466  6.474   1.00 24.73 ? 19 DT  B "C4'" 1 
ATOM   371 O "O4'" . DT  B 1 7  ? 2.159   -0.244  5.624   1.00 16.93 ? 19 DT  B "O4'" 1 
ATOM   372 C "C3'" . DT  B 1 7  ? 4.057   0.827   6.278   1.00 17.31 ? 19 DT  B "C3'" 1 
ATOM   373 O "O3'" . DT  B 1 7  ? 5.452   0.574   6.335   1.00 24.30 ? 19 DT  B "O3'" 1 
ATOM   374 C "C2'" . DT  B 1 7  ? 3.827   1.099   4.806   1.00 19.05 ? 19 DT  B "C2'" 1 
ATOM   375 C "C1'" . DT  B 1 7  ? 2.752   0.206   4.399   1.00 9.05  ? 19 DT  B "C1'" 1 
ATOM   376 N N1    . DT  B 1 7  ? 1.669   0.873   3.712   1.00 8.00  ? 19 DT  B N1    1 
ATOM   377 C C2    . DT  B 1 7  ? 1.793   1.054   2.357   1.00 11.74 ? 19 DT  B C2    1 
ATOM   378 O O2    . DT  B 1 7  ? 2.825   0.710   1.750   1.00 14.50 ? 19 DT  B O2    1 
ATOM   379 N N3    . DT  B 1 7  ? 0.741   1.592   1.679   1.00 10.01 ? 19 DT  B N3    1 
ATOM   380 C C4    . DT  B 1 7  ? -0.382  1.974   2.349   1.00 14.67 ? 19 DT  B C4    1 
ATOM   381 O O4    . DT  B 1 7  ? -1.333  2.428   1.617   1.00 20.40 ? 19 DT  B O4    1 
ATOM   382 C C5    . DT  B 1 7  ? -0.521  1.742   3.734   1.00 13.26 ? 19 DT  B C5    1 
ATOM   383 C C7    . DT  B 1 7  ? -1.755  2.073   4.550   1.00 14.04 ? 19 DT  B C7    1 
ATOM   384 C C6    . DT  B 1 7  ? 0.524   1.193   4.368   1.00 11.85 ? 19 DT  B C6    1 
ATOM   385 P P     . DT  B 1 8  ? 6.452   1.745   6.567   1.00 26.07 ? 20 DT  B P     1 
ATOM   386 O OP1   . DT  B 1 8  ? 7.555   0.934   7.088   1.00 21.06 ? 20 DT  B OP1   1 
ATOM   387 O OP2   . DT  B 1 8  ? 5.851   2.910   7.198   1.00 26.10 ? 20 DT  B OP2   1 
ATOM   388 O "O5'" . DT  B 1 8  ? 6.670   2.304   5.096   1.00 31.31 ? 20 DT  B "O5'" 1 
ATOM   389 C "C5'" . DT  B 1 8  ? 6.729   1.414   3.964   1.00 32.18 ? 20 DT  B "C5'" 1 
ATOM   390 C "C4'" . DT  B 1 8  ? 7.121   2.090   2.644   1.00 12.91 ? 20 DT  B "C4'" 1 
ATOM   391 O "O4'" . DT  B 1 8  ? 5.807   2.349   2.190   1.00 13.81 ? 20 DT  B "O4'" 1 
ATOM   392 C "C3'" . DT  B 1 8  ? 7.888   3.378   2.747   1.00 11.62 ? 20 DT  B "C3'" 1 
ATOM   393 O "O3'" . DT  B 1 8  ? 8.947   3.495   1.853   1.00 23.53 ? 20 DT  B "O3'" 1 
ATOM   394 C "C2'" . DT  B 1 8  ? 6.767   4.400   2.512   1.00 14.28 ? 20 DT  B "C2'" 1 
ATOM   395 C "C1'" . DT  B 1 8  ? 5.806   3.659   1.652   1.00 8.60  ? 20 DT  B "C1'" 1 
ATOM   396 N N1    . DT  B 1 8  ? 4.419   4.017   1.824   1.00 5.89  ? 20 DT  B N1    1 
ATOM   397 C C2    . DT  B 1 8  ? 3.672   4.103   0.684   1.00 13.02 ? 20 DT  B C2    1 
ATOM   398 O O2    . DT  B 1 8  ? 4.196   3.897   -0.439  1.00 15.11 ? 20 DT  B O2    1 
ATOM   399 N N3    . DT  B 1 8  ? 2.377   4.440   0.877   1.00 12.18 ? 20 DT  B N3    1 
ATOM   400 C C4    . DT  B 1 8  ? 1.837   4.717   2.093   1.00 12.62 ? 20 DT  B C4    1 
ATOM   401 O O4    . DT  B 1 8  ? 0.608   5.072   2.221   1.00 18.95 ? 20 DT  B O4    1 
ATOM   402 C C5    . DT  B 1 8  ? 2.641   4.663   3.231   1.00 9.11  ? 20 DT  B C5    1 
ATOM   403 C C7    . DT  B 1 8  ? 2.050   4.949   4.590   1.00 5.91  ? 20 DT  B C7    1 
ATOM   404 C C6    . DT  B 1 8  ? 3.907   4.291   3.013   1.00 10.09 ? 20 DT  B C6    1 
ATOM   405 P P     . DC  B 1 9  ? 10.145  4.466   1.459   1.00 25.63 ? 21 DC  B P     1 
ATOM   406 O OP1   . DC  B 1 9  ? 11.222  3.624   1.205   1.00 23.92 ? 21 DC  B OP1   1 
ATOM   407 O OP2   . DC  B 1 9  ? 10.384  5.658   2.292   1.00 29.58 ? 21 DC  B OP2   1 
ATOM   408 O "O5'" . DC  B 1 9  ? 9.578   5.301   0.202   1.00 23.62 ? 21 DC  B "O5'" 1 
ATOM   409 C "C5'" . DC  B 1 9  ? 9.067   4.509   -0.883  1.00 22.56 ? 21 DC  B "C5'" 1 
ATOM   410 C "C4'" . DC  B 1 9  ? 8.370   5.479   -1.833  1.00 17.59 ? 21 DC  B "C4'" 1 
ATOM   411 O "O4'" . DC  B 1 9  ? 7.074   5.698   -1.391  1.00 14.00 ? 21 DC  B "O4'" 1 
ATOM   412 C "C3'" . DC  B 1 9  ? 9.095   6.824   -1.843  1.00 13.00 ? 21 DC  B "C3'" 1 
ATOM   413 O "O3'" . DC  B 1 9  ? 9.389   7.270   -3.141  1.00 22.16 ? 21 DC  B "O3'" 1 
ATOM   414 C "C2'" . DC  B 1 9  ? 8.142   7.520   -0.934  1.00 14.28 ? 21 DC  B "C2'" 1 
ATOM   415 C "C1'" . DC  B 1 9  ? 6.805   7.103   -1.487  1.00 10.80 ? 21 DC  B "C1'" 1 
ATOM   416 N N1    . DC  B 1 9  ? 5.621   7.412   -0.693  1.00 6.88  ? 21 DC  B N1    1 
ATOM   417 C C2    . DC  B 1 9  ? 4.441   7.628   -1.341  1.00 10.54 ? 21 DC  B C2    1 
ATOM   418 O O2    . DC  B 1 9  ? 4.301   7.640   -2.582  1.00 14.43 ? 21 DC  B O2    1 
ATOM   419 N N3    . DC  B 1 9  ? 3.328   7.870   -0.574  1.00 13.99 ? 21 DC  B N3    1 
ATOM   420 C C4    . DC  B 1 9  ? 3.346   7.842   0.772   1.00 9.34  ? 21 DC  B C4    1 
ATOM   421 N N4    . DC  B 1 9  ? 2.206   8.029   1.426   1.00 13.76 ? 21 DC  B N4    1 
ATOM   422 C C5    . DC  B 1 9  ? 4.548   7.592   1.403   1.00 10.22 ? 21 DC  B C5    1 
ATOM   423 C C6    . DC  B 1 9  ? 5.656   7.332   0.670   1.00 11.92 ? 21 DC  B C6    1 
ATOM   424 P P     . DG  B 1 10 ? 10.675  8.227   -3.466  1.00 28.90 ? 22 DG  B P     1 
ATOM   425 O OP1   . DG  B 1 10 ? 11.428  7.855   -4.596  1.00 19.36 ? 22 DG  B OP1   1 
ATOM   426 O OP2   . DG  B 1 10 ? 11.314  8.792   -2.264  1.00 26.50 ? 22 DG  B OP2   1 
ATOM   427 O "O5'" . DG  B 1 10 ? 9.829   9.528   -4.073  1.00 30.89 ? 22 DG  B "O5'" 1 
ATOM   428 C "C5'" . DG  B 1 10 ? 8.802   9.165   -4.994  1.00 22.20 ? 22 DG  B "C5'" 1 
ATOM   429 C "C4'" . DG  B 1 10 ? 7.875   10.283  -5.338  1.00 14.54 ? 22 DG  B "C4'" 1 
ATOM   430 O "O4'" . DG  B 1 10 ? 6.631   10.442  -4.665  1.00 18.77 ? 22 DG  B "O4'" 1 
ATOM   431 C "C3'" . DG  B 1 10 ? 8.531   11.640  -5.214  1.00 14.82 ? 22 DG  B "C3'" 1 
ATOM   432 O "O3'" . DG  B 1 10 ? 7.821   12.503  -6.101  1.00 29.67 ? 22 DG  B "O3'" 1 
ATOM   433 C "C2'" . DG  B 1 10 ? 8.229   11.892  -3.757  1.00 14.72 ? 22 DG  B "C2'" 1 
ATOM   434 C "C1'" . DG  B 1 10 ? 6.750   11.568  -3.814  1.00 15.17 ? 22 DG  B "C1'" 1 
ATOM   435 N N9    . DG  B 1 10 ? 6.248   11.431  -2.450  1.00 14.71 ? 22 DG  B N9    1 
ATOM   436 C C8    . DG  B 1 10 ? 6.914   11.396  -1.243  1.00 13.93 ? 22 DG  B C8    1 
ATOM   437 N N7    . DG  B 1 10 ? 6.110   11.367  -0.195  1.00 17.21 ? 22 DG  B N7    1 
ATOM   438 C C5    . DG  B 1 10 ? 4.815   11.403  -0.809  1.00 12.41 ? 22 DG  B C5    1 
ATOM   439 C C6    . DG  B 1 10 ? 3.544   11.361  -0.251  1.00 9.62  ? 22 DG  B C6    1 
ATOM   440 O O6    . DG  B 1 10 ? 3.222   11.322  0.924   1.00 12.34 ? 22 DG  B O6    1 
ATOM   441 N N1    . DG  B 1 10 ? 2.526   11.447  -1.163  1.00 11.22 ? 22 DG  B N1    1 
ATOM   442 C C2    . DG  B 1 10 ? 2.712   11.558  -2.493  1.00 5.93  ? 22 DG  B C2    1 
ATOM   443 N N2    . DG  B 1 10 ? 1.483   11.656  -3.034  1.00 14.06 ? 22 DG  B N2    1 
ATOM   444 N N3    . DG  B 1 10 ? 3.860   11.525  -3.084  1.00 14.07 ? 22 DG  B N3    1 
ATOM   445 C C4    . DG  B 1 10 ? 4.878   11.458  -2.185  1.00 14.68 ? 22 DG  B C4    1 
ATOM   446 P P     . DC  B 1 11 ? 8.639   13.524  -7.115  1.00 30.05 ? 23 DC  B P     1 
ATOM   447 O OP1   . DC  B 1 11 ? 8.731   12.676  -8.287  1.00 30.94 ? 23 DC  B OP1   1 
ATOM   448 O OP2   . DC  B 1 11 ? 9.677   14.108  -6.218  1.00 32.96 ? 23 DC  B OP2   1 
ATOM   449 O "O5'" . DC  B 1 11 ? 7.408   14.478  -7.555  1.00 34.70 ? 23 DC  B "O5'" 1 
ATOM   450 C "C5'" . DC  B 1 11 ? 6.369   13.827  -8.295  1.00 26.83 ? 23 DC  B "C5'" 1 
ATOM   451 C "C4'" . DC  B 1 11 ? 5.007   14.378  -7.967  1.00 23.82 ? 23 DC  B "C4'" 1 
ATOM   452 O "O4'" . DC  B 1 11 ? 4.636   13.753  -6.763  1.00 24.29 ? 23 DC  B "O4'" 1 
ATOM   453 C "C3'" . DC  B 1 11 ? 4.762   15.841  -7.804  1.00 22.35 ? 23 DC  B "C3'" 1 
ATOM   454 O "O3'" . DC  B 1 11 ? 4.468   16.620  -8.985  1.00 31.87 ? 23 DC  B "O3'" 1 
ATOM   455 C "C2'" . DC  B 1 11 ? 3.505   15.775  -6.935  1.00 25.99 ? 23 DC  B "C2'" 1 
ATOM   456 C "C1'" . DC  B 1 11 ? 3.853   14.688  -5.973  1.00 22.89 ? 23 DC  B "C1'" 1 
ATOM   457 N N1    . DC  B 1 11 ? 4.447   14.873  -4.644  1.00 18.78 ? 23 DC  B N1    1 
ATOM   458 C C2    . DC  B 1 11 ? 3.486   14.881  -3.647  1.00 19.91 ? 23 DC  B C2    1 
ATOM   459 O O2    . DC  B 1 11 ? 2.288   14.899  -3.943  1.00 19.72 ? 23 DC  B O2    1 
ATOM   460 N N3    . DC  B 1 11 ? 3.894   14.966  -2.347  1.00 16.51 ? 23 DC  B N3    1 
ATOM   461 C C4    . DC  B 1 11 ? 5.218   15.016  -2.037  1.00 17.66 ? 23 DC  B C4    1 
ATOM   462 N N4    . DC  B 1 11 ? 5.432   15.105  -0.729  1.00 21.95 ? 23 DC  B N4    1 
ATOM   463 C C5    . DC  B 1 11 ? 6.203   14.958  -3.009  1.00 18.91 ? 23 DC  B C5    1 
ATOM   464 C C6    . DC  B 1 11 ? 5.740   14.856  -4.269  1.00 21.44 ? 23 DC  B C6    1 
ATOM   465 P P     . DG  B 1 12 ? 4.937   18.133  -9.282  1.00 32.24 ? 24 DG  B P     1 
ATOM   466 O OP1   . DG  B 1 12 ? 5.141   18.276  -10.773 1.00 38.70 ? 24 DG  B OP1   1 
ATOM   467 O OP2   . DG  B 1 12 ? 6.284   18.498  -8.655  1.00 31.93 ? 24 DG  B OP2   1 
ATOM   468 O "O5'" . DG  B 1 12 ? 3.565   18.904  -8.931  1.00 27.65 ? 24 DG  B "O5'" 1 
ATOM   469 C "C5'" . DG  B 1 12 ? 2.356   18.121  -8.788  1.00 19.83 ? 24 DG  B "C5'" 1 
ATOM   470 C "C4'" . DG  B 1 12 ? 1.459   18.836  -7.810  1.00 16.39 ? 24 DG  B "C4'" 1 
ATOM   471 O "O4'" . DG  B 1 12 ? 1.395   18.196  -6.572  1.00 15.64 ? 24 DG  B "O4'" 1 
ATOM   472 C "C3'" . DG  B 1 12 ? 1.911   20.211  -7.377  1.00 11.31 ? 24 DG  B "C3'" 1 
ATOM   473 O "O3'" . DG  B 1 12 ? 1.717   21.117  -8.451  1.00 29.70 ? 24 DG  B "O3'" 1 
ATOM   474 C "C2'" . DG  B 1 12 ? 0.815   20.446  -6.367  1.00 7.32  ? 24 DG  B "C2'" 1 
ATOM   475 C "C1'" . DG  B 1 12 ? 1.044   19.200  -5.539  1.00 13.44 ? 24 DG  B "C1'" 1 
ATOM   476 N N9    . DG  B 1 12 ? 2.158   19.040  -4.635  1.00 4.61  ? 24 DG  B N9    1 
ATOM   477 C C8    . DG  B 1 12 ? 3.442   18.969  -5.052  1.00 11.12 ? 24 DG  B C8    1 
ATOM   478 N N7    . DG  B 1 12 ? 4.324   18.737  -4.115  1.00 11.45 ? 24 DG  B N7    1 
ATOM   479 C C5    . DG  B 1 12 ? 3.521   18.713  -2.956  1.00 4.56  ? 24 DG  B C5    1 
ATOM   480 C C6    . DG  B 1 12 ? 3.880   18.473  -1.633  1.00 11.84 ? 24 DG  B C6    1 
ATOM   481 O O6    . DG  B 1 12 ? 5.035   18.262  -1.224  1.00 18.44 ? 24 DG  B O6    1 
ATOM   482 N N1    . DG  B 1 12 ? 2.814   18.480  -0.764  1.00 13.64 ? 24 DG  B N1    1 
ATOM   483 C C2    . DG  B 1 12 ? 1.564   18.671  -1.209  1.00 12.75 ? 24 DG  B C2    1 
ATOM   484 N N2    . DG  B 1 12 ? 0.574   18.706  -0.294  1.00 19.46 ? 24 DG  B N2    1 
ATOM   485 N N3    . DG  B 1 12 ? 1.201   18.851  -2.448  1.00 12.20 ? 24 DG  B N3    1 
ATOM   486 C C4    . DG  B 1 12 ? 2.230   18.850  -3.285  1.00 6.78  ? 24 DG  B C4    1 
HETATM 487 N N1    . DAP C 2 .  ? 4.555   -1.413  1.284   1.00 37.53 ? 25 DAP A N1    1 
HETATM 488 C C2    . DAP C 2 .  ? 5.223   -2.082  2.334   1.00 36.36 ? 25 DAP A C2    1 
HETATM 489 C C3    . DAP C 2 .  ? 6.504   -1.796  2.338   1.00 33.73 ? 25 DAP A C3    1 
HETATM 490 C C4    . DAP C 2 .  ? 7.900   -0.313  0.730   1.00 39.44 ? 25 DAP A C4    1 
HETATM 491 C C5    . DAP C 2 .  ? 7.841   0.525   -0.384  1.00 33.81 ? 25 DAP A C5    1 
HETATM 492 C C6    . DAP C 2 .  ? 6.575   0.764   -0.992  1.00 34.30 ? 25 DAP A C6    1 
HETATM 493 C C7    . DAP C 2 .  ? 5.424   0.168   -0.493  1.00 33.86 ? 25 DAP A C7    1 
HETATM 494 C C8    . DAP C 2 .  ? 5.524   -0.694  0.632   1.00 35.10 ? 25 DAP A C8    1 
HETATM 495 C C9    . DAP C 2 .  ? 6.718   -0.927  1.235   1.00 34.74 ? 25 DAP A C9    1 
HETATM 496 C C10   . DAP C 2 .  ? 6.474   1.614   -2.040  1.00 40.79 ? 25 DAP A C10   1 
HETATM 497 N N2    . DAP C 2 .  ? 7.527   2.244   -2.545  1.00 40.93 ? 25 DAP A N2    1 
HETATM 498 N N3    . DAP C 2 .  ? 5.296   1.832   -2.630  1.00 40.72 ? 25 DAP A N3    1 
HETATM 499 C "C1'" . DAP C 2 .  ? 4.413   -2.942  3.244   1.00 35.04 ? 25 DAP A "C1'" 1 
HETATM 500 C "C2'" . DAP C 2 .  ? 4.947   -3.689  4.314   1.00 39.62 ? 25 DAP A "C2'" 1 
HETATM 501 C "C3'" . DAP C 2 .  ? 4.085   -4.479  5.075   1.00 40.79 ? 25 DAP A "C3'" 1 
HETATM 502 C "C4'" . DAP C 2 .  ? 2.686   -4.542  4.787   1.00 38.95 ? 25 DAP A "C4'" 1 
HETATM 503 C "C5'" . DAP C 2 .  ? 2.181   -3.784  3.712   1.00 36.58 ? 25 DAP A "C5'" 1 
HETATM 504 C "C6'" . DAP C 2 .  ? 3.015   -2.996  2.941   1.00 38.27 ? 25 DAP A "C6'" 1 
HETATM 505 C C11   . DAP C 2 .  ? 1.892   -5.306  5.557   1.00 46.94 ? 25 DAP A C11   1 
HETATM 506 N N4    . DAP C 2 .  ? 0.561   -5.485  5.453   1.00 54.71 ? 25 DAP A N4    1 
HETATM 507 N N5    . DAP C 2 .  ? 2.450   -6.029  6.562   1.00 54.96 ? 25 DAP A N5    1 
HETATM 508 O O     . HOH D 3 .  ? 5.571   4.136   -3.392  1.00 42.52 ? 26 HOH A O     1 
HETATM 509 O O     . HOH D 3 .  ? 4.297   -6.751  -6.350  1.00 21.82 ? 28 HOH A O     1 
HETATM 510 O O     . HOH D 3 .  ? 8.232   -9.408  9.582   1.00 41.78 ? 30 HOH A O     1 
HETATM 511 O O     . HOH D 3 .  ? 3.280   -3.297  -7.751  1.00 18.79 ? 31 HOH A O     1 
HETATM 512 O O     . HOH D 3 .  ? -3.527  1.664   -5.692  1.00 44.06 ? 32 HOH A O     1 
HETATM 513 O O     . HOH D 3 .  ? -4.909  3.817   -6.267  1.00 29.89 ? 33 HOH A O     1 
HETATM 514 O O     . HOH D 3 .  ? 1.637   -0.008  -12.642 1.00 17.31 ? 35 HOH A O     1 
HETATM 515 O O     . HOH D 3 .  ? -8.258  4.611   -10.474 1.00 46.67 ? 36 HOH A O     1 
HETATM 516 O O     . HOH D 3 .  ? 9.059   -11.548 -7.978  1.00 31.12 ? 37 HOH A O     1 
HETATM 517 O O     . HOH D 3 .  ? 11.655  -8.215  2.584   1.00 54.49 ? 38 HOH A O     1 
HETATM 518 O O     . HOH D 3 .  ? 7.650   -8.816  -6.661  1.00 32.38 ? 39 HOH A O     1 
HETATM 519 O O     . HOH D 3 .  ? 4.032   0.582   -12.762 1.00 26.08 ? 42 HOH A O     1 
HETATM 520 O O     . HOH D 3 .  ? -2.046  13.053  6.380   1.00 44.56 ? 43 HOH A O     1 
HETATM 521 O O     . HOH D 3 .  ? -8.098  -3.318  -17.840 1.00 41.14 ? 46 HOH A O     1 
HETATM 522 O O     . HOH D 3 .  ? 9.851   -3.396  2.146   1.00 49.86 ? 47 HOH A O     1 
HETATM 523 O O     . HOH D 3 .  ? -3.120  -5.790  -5.189  1.00 47.88 ? 48 HOH A O     1 
HETATM 524 O O     . HOH E 3 .  ? 12.767  6.399   -1.838  1.00 23.08 ? 27 HOH B O     1 
HETATM 525 O O     . HOH E 3 .  ? 3.470   8.640   4.964   1.00 34.78 ? 29 HOH B O     1 
HETATM 526 O O     . HOH E 3 .  ? -6.769  -8.852  -6.333  1.00 30.56 ? 34 HOH B O     1 
HETATM 527 O O     . HOH E 3 .  ? 6.962   18.127  -4.250  1.00 44.18 ? 40 HOH B O     1 
HETATM 528 O O     . HOH E 3 .  ? 7.504   10.397  2.593   1.00 31.37 ? 41 HOH B O     1 
HETATM 529 O O     . HOH E 3 .  ? 3.972   10.807  -6.490  1.00 39.96 ? 44 HOH B O     1 
HETATM 530 O O     . HOH E 3 .  ? -12.792 -12.403 -5.378  1.00 26.64 ? 45 HOH B O     1 
HETATM 531 O O     . HOH E 3 .  ? -4.401  2.360   1.508   1.00 43.59 ? 49 HOH B O     1 
HETATM 532 O O     . HOH E 3 .  ? 11.548  7.804   3.605   1.00 49.75 ? 50 HOH B O     1 
# 
